data_6U2F
#
_entry.id   6U2F
#
_cell.length_a   110.569
_cell.length_b   142.740
_cell.length_c   239.287
_cell.angle_alpha   90.000
_cell.angle_beta   90.000
_cell.angle_gamma   90.000
#
_symmetry.space_group_name_H-M   'I 2 2 2'
#
loop_
_entity.id
_entity.type
_entity.pdbx_description
1 polymer 'Proprotein convertase subtilisin/kexin type 9'
2 polymer 'Organo-peptide PCSK9 inhibitor'
3 polymer '7G7 heavy chain'
4 polymer '7G7 light chain'
5 non-polymer 'CALCIUM ION'
6 water water
#
loop_
_entity_poly.entity_id
_entity_poly.type
_entity_poly.pdbx_seq_one_letter_code
_entity_poly.pdbx_strand_id
1 'polypeptide(L)'
;MGTVSSRRSWWPLPLLLLLLLLLGPAGARAQEDEDGDYEELVLALRSEEDGLAEAPEHGTTATFHRCAKDPWRLPGTYVV
VLKEETHLSQSERTARRLQAQAARRGYLTKILHVFHGLLPGFLVKMSGDLLELALKLPHVDYIEEDSSVFAQSIPWNLER
ITPPRYRADEYQPPDGGSLVEVYLLDTSIQSDHREIEGRVMVTDFENVPEEDGTRFHRQASKCDSHGTHLAGVVSGRDAG
VAKGASMRSLRVLNCQGKGTVSGTLIGLEFIRKSQLVQPVGPLVVLLPLAGGYSRVLNAACQRLARAGVVLVTAAGNFRD
DACLYSPASAPEVITVGATNAQDQPVTLGTLGTNFGRCVDLFAPGEDIIGASSDCSTCFVSQSGTSQAAAHVAGIAAMML
SAEPELTLAELRQRLIHFSAKDVINEAWFPEDQRVLTPNLVAALPPSTHGAGWQLFCRTVWSAHSGPTRMATAIARCAPD
EELLSCSSFSRSGKRRGERMEAQGGKLVCRAHNAFGGEGVYAIARCCLLPQANCSVHTAPPAEASMGTRVHCHQQGHVLT
GCSSHWEVEDLGTHKPPVLRPRGQPNQCVGHREASIHASCCHAPGLECKVKEHGIPAPQEQVTVACEEGWTLTGCSALPG
TSHVLGAYAVDNTCVVRSREVSTTGSTSEGAVTAVAICCRSRHLAQASQELQHHHHHHHH
;
A
2 'polypeptide(L)' (PQG)WNLK(HRG)IGLLR B
3 'polypeptide(L)'
;QVQLKQSGAELVRPGASVKLSCKASGYIFTDYYINWLKKRPGQGLEWIARIYPGSGHTYYNENFKDKATLTAEKSSSNVY
MQLSSLTSEDSAVYFCARENFYGSSYVDWYFDVWGTGTTVTVSSAKTTPPSVYPLAPGCGDTTGSSVTLGCLVKGYFPES
VTVTWNSGSLSSSVHTFPALLQSGLYTMSSSVTVPSSTWPSQTVTCSVAHPASSTTVDKKLEP
;
H
4 'polypeptide(L)'
;DIVMTQSQKFMSTSGGDRVSITCKTSQNVGTAVAWFQQKPGQSPKLLIYSASNRYTGVSDRFTGSGSGTEFIFTISYAQS
EDLADYFCHQYSSYPLTFGAGTKLELKRADAAPTVSIFPPSSEQLTSGGASVVCFLNNFYPKDINVKWKIDGSERQNGVL
NSWTDQDSKDSTYSMSSTLTLTKDEYERHNSYTCEATHKTSTSPIVKSFNRNEC
;
L
#
# COMPACT_ATOMS: atom_id res chain seq x y z
N THR A 61 -9.81 -6.42 -24.48
CA THR A 61 -8.64 -5.73 -23.90
C THR A 61 -7.37 -5.89 -24.80
N ALA A 62 -7.50 -6.40 -26.06
CA ALA A 62 -6.39 -6.54 -27.02
C ALA A 62 -6.47 -5.27 -27.86
N THR A 63 -5.49 -4.37 -27.70
CA THR A 63 -5.47 -3.04 -28.31
C THR A 63 -4.53 -2.93 -29.53
N PHE A 64 -4.87 -1.99 -30.45
CA PHE A 64 -4.10 -1.68 -31.66
C PHE A 64 -3.43 -0.33 -31.46
N HIS A 65 -2.12 -0.24 -31.78
CA HIS A 65 -1.36 0.98 -31.65
C HIS A 65 -0.63 1.32 -32.96
N ARG A 66 -0.62 2.59 -33.31
CA ARG A 66 0.04 3.07 -34.52
C ARG A 66 0.78 4.38 -34.14
N CYS A 67 1.80 4.73 -34.94
CA CYS A 67 2.56 5.94 -34.70
C CYS A 67 1.62 7.18 -34.80
N ALA A 68 1.78 8.15 -33.84
CA ALA A 68 1.02 9.40 -33.80
C ALA A 68 1.30 10.26 -35.08
N LYS A 69 2.59 10.33 -35.48
CA LYS A 69 3.06 11.03 -36.67
C LYS A 69 2.77 10.20 -37.92
N ASP A 70 1.73 10.58 -38.71
CA ASP A 70 1.33 9.85 -39.92
C ASP A 70 2.47 9.58 -40.91
N PRO A 71 3.27 10.57 -41.35
CA PRO A 71 4.35 10.25 -42.31
C PRO A 71 5.38 9.20 -41.85
N TRP A 72 5.45 8.85 -40.55
CA TRP A 72 6.38 7.82 -40.06
C TRP A 72 5.72 6.44 -39.91
N ARG A 73 4.45 6.31 -40.31
CA ARG A 73 3.75 5.04 -40.23
C ARG A 73 4.16 4.16 -41.38
N LEU A 74 4.19 2.82 -41.17
CA LEU A 74 4.52 1.84 -42.21
C LEU A 74 3.45 0.70 -42.19
N PRO A 75 2.23 1.02 -42.69
CA PRO A 75 1.16 0.00 -42.72
C PRO A 75 1.54 -1.20 -43.62
N GLY A 76 1.13 -2.40 -43.18
CA GLY A 76 1.44 -3.65 -43.87
C GLY A 76 2.26 -4.63 -43.03
N THR A 77 3.09 -4.09 -42.09
CA THR A 77 3.87 -4.89 -41.15
C THR A 77 3.42 -4.52 -39.74
N TYR A 78 3.18 -5.55 -38.91
CA TYR A 78 2.67 -5.39 -37.56
C TYR A 78 3.42 -6.28 -36.56
N VAL A 79 3.69 -5.75 -35.37
CA VAL A 79 4.31 -6.51 -34.30
C VAL A 79 3.14 -6.96 -33.46
N VAL A 80 2.89 -8.28 -33.41
CA VAL A 80 1.86 -8.83 -32.55
C VAL A 80 2.59 -9.17 -31.25
N VAL A 81 2.19 -8.57 -30.13
CA VAL A 81 2.82 -8.81 -28.83
C VAL A 81 1.85 -9.66 -28.05
N LEU A 82 2.32 -10.84 -27.62
CA LEU A 82 1.50 -11.76 -26.83
C LEU A 82 1.67 -11.48 -25.32
N LYS A 83 0.88 -12.18 -24.47
CA LYS A 83 0.93 -12.00 -23.02
C LYS A 83 2.20 -12.59 -22.41
N GLU A 84 2.67 -12.00 -21.30
CA GLU A 84 3.97 -12.28 -20.65
C GLU A 84 4.47 -13.72 -20.64
N GLU A 85 3.70 -14.65 -20.09
CA GLU A 85 4.16 -16.04 -19.94
C GLU A 85 3.77 -16.93 -21.11
N THR A 86 4.15 -16.52 -22.32
CA THR A 86 3.83 -17.23 -23.56
C THR A 86 5.11 -17.85 -24.10
N HIS A 87 5.16 -19.18 -24.22
CA HIS A 87 6.34 -19.88 -24.75
C HIS A 87 6.45 -19.75 -26.26
N LEU A 88 7.65 -20.00 -26.81
CA LEU A 88 7.92 -19.95 -28.26
C LEU A 88 6.96 -20.87 -29.03
N SER A 89 6.57 -22.02 -28.43
CA SER A 89 5.61 -22.94 -29.04
C SER A 89 4.28 -22.20 -29.29
N GLN A 90 3.76 -21.48 -28.28
CA GLN A 90 2.51 -20.73 -28.41
C GLN A 90 2.63 -19.57 -29.43
N SER A 91 3.79 -18.86 -29.49
CA SER A 91 4.01 -17.79 -30.47
C SER A 91 3.96 -18.38 -31.87
N GLU A 92 4.72 -19.46 -32.12
CA GLU A 92 4.68 -20.10 -33.44
C GLU A 92 3.26 -20.52 -33.78
N ARG A 93 2.57 -21.20 -32.86
CA ARG A 93 1.20 -21.65 -33.11
C ARG A 93 0.29 -20.48 -33.39
N THR A 94 0.39 -19.38 -32.61
CA THR A 94 -0.46 -18.22 -32.82
C THR A 94 -0.15 -17.58 -34.19
N ALA A 95 1.12 -17.53 -34.62
CA ALA A 95 1.46 -16.99 -35.95
C ALA A 95 0.88 -17.90 -37.03
N ARG A 96 1.02 -19.23 -36.86
CA ARG A 96 0.44 -20.18 -37.82
C ARG A 96 -1.13 -20.06 -37.88
N ARG A 97 -1.78 -19.88 -36.72
CA ARG A 97 -3.22 -19.70 -36.64
C ARG A 97 -3.62 -18.52 -37.49
N LEU A 98 -2.91 -17.38 -37.37
CA LEU A 98 -3.17 -16.17 -38.16
C LEU A 98 -2.95 -16.44 -39.63
N GLN A 99 -1.82 -17.11 -39.99
CA GLN A 99 -1.59 -17.44 -41.42
C GLN A 99 -2.77 -18.28 -42.01
N ALA A 100 -3.15 -19.38 -41.34
CA ALA A 100 -4.24 -20.25 -41.76
C ALA A 100 -5.55 -19.47 -41.90
N GLN A 101 -5.94 -18.75 -40.82
CA GLN A 101 -7.17 -17.97 -40.80
C GLN A 101 -7.15 -16.93 -41.89
N ALA A 102 -6.01 -16.24 -42.13
CA ALA A 102 -5.94 -15.26 -43.24
C ALA A 102 -6.12 -15.97 -44.61
N ALA A 103 -5.47 -17.16 -44.80
CA ALA A 103 -5.57 -17.96 -46.03
C ALA A 103 -7.03 -18.36 -46.27
N ARG A 104 -7.75 -18.76 -45.20
CA ARG A 104 -9.19 -19.09 -45.32
C ARG A 104 -9.99 -17.87 -45.84
N ARG A 105 -9.64 -16.64 -45.44
CA ARG A 105 -10.31 -15.42 -45.91
C ARG A 105 -9.72 -14.93 -47.24
N GLY A 106 -8.81 -15.72 -47.84
CA GLY A 106 -8.23 -15.44 -49.16
C GLY A 106 -7.11 -14.43 -49.19
N TYR A 107 -6.25 -14.39 -48.14
CA TYR A 107 -5.15 -13.42 -48.05
C TYR A 107 -3.78 -14.08 -47.78
N LEU A 108 -2.75 -13.70 -48.56
CA LEU A 108 -1.39 -14.17 -48.36
C LEU A 108 -0.78 -13.37 -47.21
N THR A 109 -0.11 -14.08 -46.28
CA THR A 109 0.45 -13.48 -45.08
C THR A 109 1.84 -14.03 -44.91
N LYS A 110 2.81 -13.20 -44.52
CA LYS A 110 4.20 -13.64 -44.33
C LYS A 110 4.63 -13.41 -42.89
N ILE A 111 4.99 -14.49 -42.15
CA ILE A 111 5.49 -14.34 -40.76
C ILE A 111 7.00 -14.03 -40.88
N LEU A 112 7.37 -12.75 -40.85
CA LEU A 112 8.74 -12.27 -41.04
C LEU A 112 9.69 -12.74 -39.98
N HIS A 113 9.25 -12.84 -38.74
CA HIS A 113 10.13 -13.23 -37.65
C HIS A 113 9.28 -13.54 -36.41
N VAL A 114 9.73 -14.48 -35.57
CA VAL A 114 9.07 -14.85 -34.32
C VAL A 114 9.97 -14.39 -33.18
N PHE A 115 9.42 -13.54 -32.27
CA PHE A 115 10.16 -13.02 -31.13
C PHE A 115 10.13 -13.98 -29.95
N HIS A 116 11.30 -14.31 -29.45
CA HIS A 116 11.46 -15.08 -28.22
C HIS A 116 12.73 -14.56 -27.57
N GLY A 117 12.70 -14.41 -26.27
CA GLY A 117 13.86 -13.90 -25.54
C GLY A 117 13.53 -12.56 -24.94
N LEU A 118 13.32 -11.54 -25.76
CA LEU A 118 13.02 -10.20 -25.22
C LEU A 118 11.55 -10.09 -24.88
N LEU A 119 10.65 -10.34 -25.82
CA LEU A 119 9.23 -10.38 -25.49
C LEU A 119 8.53 -11.42 -26.39
N PRO A 120 7.33 -11.94 -26.00
CA PRO A 120 6.69 -12.97 -26.82
C PRO A 120 5.80 -12.32 -27.88
N GLY A 121 6.02 -12.71 -29.13
CA GLY A 121 5.28 -12.16 -30.24
C GLY A 121 5.83 -12.59 -31.57
N PHE A 122 5.45 -11.87 -32.62
CA PHE A 122 5.92 -12.15 -33.97
C PHE A 122 5.63 -10.96 -34.84
N LEU A 123 6.31 -10.97 -35.98
CA LEU A 123 6.31 -9.90 -36.95
C LEU A 123 5.62 -10.45 -38.15
N VAL A 124 4.63 -9.70 -38.66
CA VAL A 124 3.82 -10.20 -39.75
C VAL A 124 3.54 -9.16 -40.83
N LYS A 125 3.74 -9.58 -42.11
CA LYS A 125 3.46 -8.77 -43.29
C LYS A 125 2.06 -9.22 -43.74
N MET A 126 1.05 -8.36 -43.61
CA MET A 126 -0.33 -8.70 -43.93
C MET A 126 -1.12 -7.44 -44.17
N SER A 127 -2.25 -7.55 -44.86
CA SER A 127 -3.13 -6.40 -45.07
C SER A 127 -3.77 -6.00 -43.74
N GLY A 128 -3.95 -4.69 -43.54
CA GLY A 128 -4.65 -4.13 -42.40
C GLY A 128 -6.12 -4.56 -42.35
N ASP A 129 -6.67 -5.11 -43.44
CA ASP A 129 -8.03 -5.66 -43.45
C ASP A 129 -8.10 -6.78 -42.40
N LEU A 130 -6.99 -7.51 -42.21
CA LEU A 130 -6.93 -8.61 -41.27
C LEU A 130 -6.56 -8.26 -39.84
N LEU A 131 -6.56 -6.96 -39.47
CA LEU A 131 -6.22 -6.55 -38.10
C LEU A 131 -7.27 -7.03 -37.13
N GLU A 132 -8.50 -6.63 -37.38
CA GLU A 132 -9.67 -7.04 -36.61
C GLU A 132 -9.65 -8.58 -36.33
N LEU A 133 -9.24 -9.40 -37.30
CA LEU A 133 -9.05 -10.84 -37.11
C LEU A 133 -7.88 -11.14 -36.15
N ALA A 134 -6.72 -10.49 -36.39
CA ALA A 134 -5.55 -10.72 -35.54
C ALA A 134 -5.82 -10.31 -34.09
N LEU A 135 -6.58 -9.22 -33.82
CA LEU A 135 -6.90 -8.80 -32.45
C LEU A 135 -7.71 -9.86 -31.68
N LYS A 136 -8.51 -10.68 -32.38
CA LYS A 136 -9.27 -11.75 -31.76
C LYS A 136 -8.43 -12.99 -31.47
N LEU A 137 -7.16 -13.08 -31.94
CA LEU A 137 -6.32 -14.28 -31.73
C LEU A 137 -6.13 -14.55 -30.25
N PRO A 138 -5.85 -15.82 -29.88
CA PRO A 138 -5.58 -16.13 -28.46
C PRO A 138 -4.18 -15.69 -28.00
N HIS A 139 -4.12 -15.18 -26.76
CA HIS A 139 -2.90 -14.71 -26.07
C HIS A 139 -2.42 -13.34 -26.52
N VAL A 140 -3.15 -12.61 -27.38
CA VAL A 140 -2.68 -11.30 -27.87
C VAL A 140 -2.83 -10.20 -26.82
N ASP A 141 -1.72 -9.51 -26.50
CA ASP A 141 -1.71 -8.41 -25.56
C ASP A 141 -2.04 -7.14 -26.37
N TYR A 142 -1.27 -6.90 -27.45
CA TYR A 142 -1.51 -5.78 -28.36
C TYR A 142 -0.79 -5.97 -29.69
N ILE A 143 -1.24 -5.22 -30.67
CA ILE A 143 -0.67 -5.23 -32.01
C ILE A 143 -0.20 -3.80 -32.29
N GLU A 144 1.07 -3.63 -32.67
CA GLU A 144 1.58 -2.31 -32.98
C GLU A 144 2.02 -2.30 -34.46
N GLU A 145 1.58 -1.27 -35.20
CA GLU A 145 1.92 -1.10 -36.62
C GLU A 145 3.37 -0.62 -36.69
N ASP A 146 4.13 -1.16 -37.65
CA ASP A 146 5.51 -0.77 -37.76
C ASP A 146 5.64 0.70 -38.21
N SER A 147 6.72 1.34 -37.79
CA SER A 147 6.99 2.72 -38.11
C SER A 147 8.49 2.90 -38.23
N SER A 148 8.88 3.99 -38.84
CA SER A 148 10.29 4.24 -39.10
C SER A 148 11.03 4.91 -37.94
N VAL A 149 12.30 4.61 -37.80
CA VAL A 149 13.21 5.26 -36.86
C VAL A 149 14.18 6.03 -37.73
N PHE A 150 14.85 7.03 -37.18
CA PHE A 150 15.76 7.88 -37.93
C PHE A 150 17.05 8.09 -37.16
N ALA A 151 18.18 8.12 -37.87
CA ALA A 151 19.48 8.45 -37.32
C ALA A 151 19.38 9.88 -36.77
N GLN A 152 20.02 10.11 -35.61
CA GLN A 152 20.08 11.42 -34.95
C GLN A 152 21.55 11.83 -34.86
N GLY A 177 42.27 -2.52 -15.46
CA GLY A 177 41.05 -2.12 -16.16
C GLY A 177 40.29 -3.28 -16.77
N SER A 178 38.93 -3.26 -16.67
CA SER A 178 38.04 -4.32 -17.21
C SER A 178 37.55 -4.02 -18.64
N LEU A 179 37.12 -5.07 -19.38
CA LEU A 179 36.64 -4.95 -20.75
C LEU A 179 35.11 -4.84 -20.81
N VAL A 180 34.65 -3.63 -21.22
CA VAL A 180 33.24 -3.29 -21.37
C VAL A 180 32.92 -3.41 -22.86
N GLU A 181 31.89 -4.15 -23.20
CA GLU A 181 31.46 -4.27 -24.59
C GLU A 181 30.38 -3.21 -24.84
N VAL A 182 30.47 -2.46 -25.95
CA VAL A 182 29.49 -1.42 -26.32
C VAL A 182 28.79 -1.75 -27.63
N TYR A 183 27.48 -2.09 -27.57
CA TYR A 183 26.70 -2.40 -28.77
C TYR A 183 26.22 -1.12 -29.37
N LEU A 184 26.24 -1.05 -30.70
CA LEU A 184 25.86 0.12 -31.45
C LEU A 184 24.82 -0.26 -32.50
N LEU A 185 23.58 0.24 -32.37
CA LEU A 185 22.54 -0.03 -33.35
C LEU A 185 22.46 1.18 -34.26
N ASP A 186 23.04 1.11 -35.45
CA ASP A 186 23.09 2.29 -36.31
C ASP A 186 23.32 1.87 -37.77
N THR A 187 24.18 2.56 -38.52
CA THR A 187 24.48 2.29 -39.90
C THR A 187 25.67 1.29 -39.96
N SER A 188 26.21 1.05 -41.17
CA SER A 188 27.44 0.27 -41.34
C SER A 188 28.57 1.12 -40.72
N ILE A 189 29.76 0.52 -40.58
CA ILE A 189 30.90 1.19 -39.97
C ILE A 189 32.15 0.86 -40.73
N GLN A 190 33.06 1.84 -40.88
CA GLN A 190 34.36 1.60 -41.49
C GLN A 190 35.24 1.08 -40.36
N SER A 191 35.21 -0.23 -40.14
CA SER A 191 35.96 -0.87 -39.06
C SER A 191 37.51 -0.82 -39.20
N ASP A 192 38.03 -0.55 -40.40
CA ASP A 192 39.48 -0.45 -40.59
C ASP A 192 40.01 1.02 -40.43
N HIS A 193 39.15 1.98 -39.95
CA HIS A 193 39.62 3.36 -39.73
C HIS A 193 40.65 3.32 -38.58
N ARG A 194 41.74 4.11 -38.66
CA ARG A 194 42.80 4.09 -37.63
C ARG A 194 42.27 4.48 -36.28
N GLU A 195 41.24 5.31 -36.27
CA GLU A 195 40.60 5.77 -35.06
C GLU A 195 39.93 4.64 -34.28
N ILE A 196 39.41 3.60 -34.95
CA ILE A 196 38.73 2.50 -34.25
C ILE A 196 39.20 1.07 -34.62
N GLU A 197 40.24 0.89 -35.46
CA GLU A 197 40.65 -0.48 -35.84
C GLU A 197 41.07 -1.34 -34.63
N GLY A 198 40.62 -2.60 -34.63
CA GLY A 198 40.93 -3.55 -33.57
C GLY A 198 40.03 -3.46 -32.36
N ARG A 199 39.25 -2.38 -32.25
CA ARG A 199 38.28 -2.21 -31.17
C ARG A 199 36.85 -2.38 -31.67
N VAL A 200 36.62 -2.60 -32.98
CA VAL A 200 35.26 -2.72 -33.51
C VAL A 200 35.02 -4.03 -34.21
N MET A 201 34.05 -4.80 -33.71
CA MET A 201 33.63 -6.06 -34.29
C MET A 201 32.31 -5.81 -35.02
N VAL A 202 32.23 -6.19 -36.31
CA VAL A 202 31.00 -6.05 -37.10
C VAL A 202 30.26 -7.38 -36.93
N THR A 203 29.12 -7.34 -36.24
CA THR A 203 28.37 -8.54 -35.85
C THR A 203 27.78 -9.37 -37.00
N ASP A 204 27.61 -8.81 -38.22
CA ASP A 204 26.98 -9.54 -39.35
C ASP A 204 25.45 -9.43 -39.29
N PHE A 205 24.87 -9.00 -38.14
CA PHE A 205 23.46 -8.70 -38.02
C PHE A 205 23.19 -7.47 -38.90
N GLU A 206 22.13 -7.57 -39.71
CA GLU A 206 21.73 -6.50 -40.60
C GLU A 206 20.26 -6.65 -40.88
N ASN A 207 19.49 -5.61 -40.59
CA ASN A 207 18.04 -5.58 -40.84
C ASN A 207 17.63 -4.12 -41.07
N VAL A 208 17.52 -3.70 -42.37
CA VAL A 208 17.20 -2.32 -42.74
C VAL A 208 16.11 -2.24 -43.78
N PRO A 209 15.34 -1.14 -43.79
CA PRO A 209 14.31 -0.98 -44.83
C PRO A 209 14.94 -0.57 -46.17
N GLU A 210 14.26 -0.83 -47.30
CA GLU A 210 14.81 -0.44 -48.61
C GLU A 210 14.75 1.10 -48.76
N GLU A 211 15.67 1.67 -49.53
CA GLU A 211 15.78 3.12 -49.71
C GLU A 211 14.66 3.67 -50.59
N ASP A 212 14.24 4.91 -50.29
CA ASP A 212 13.18 5.62 -51.02
C ASP A 212 13.78 6.13 -52.32
N GLY A 213 13.09 5.88 -53.42
CA GLY A 213 13.55 6.28 -54.73
C GLY A 213 13.74 5.05 -55.57
N THR A 214 12.97 4.94 -56.67
CA THR A 214 13.04 3.80 -57.58
C THR A 214 14.45 3.63 -58.14
N ARG A 215 15.11 4.77 -58.46
CA ARG A 215 16.47 4.80 -59.00
C ARG A 215 17.55 5.22 -57.97
N PHE A 216 17.35 4.91 -56.67
CA PHE A 216 18.36 5.23 -55.64
C PHE A 216 19.48 4.19 -55.65
N HIS A 217 20.73 4.66 -55.62
CA HIS A 217 21.93 3.82 -55.57
C HIS A 217 22.98 4.50 -54.70
N ARG A 218 23.67 3.69 -53.87
CA ARG A 218 24.72 4.17 -52.97
C ARG A 218 25.94 4.61 -53.81
N GLN A 219 26.21 3.84 -54.90
CA GLN A 219 27.30 4.05 -55.83
C GLN A 219 28.63 3.95 -55.08
N ALA A 220 29.50 4.99 -55.06
CA ALA A 220 30.77 4.91 -54.35
C ALA A 220 30.60 4.96 -52.81
N SER A 221 29.44 5.43 -52.29
CA SER A 221 29.22 5.54 -50.85
C SER A 221 29.08 4.18 -50.19
N LYS A 222 29.75 3.98 -49.03
CA LYS A 222 29.68 2.71 -48.30
C LYS A 222 28.61 2.70 -47.16
N CYS A 223 27.82 3.81 -46.99
CA CYS A 223 26.76 3.93 -45.97
C CYS A 223 27.29 3.65 -44.55
N ASP A 224 28.51 4.19 -44.30
CA ASP A 224 29.30 4.05 -43.09
C ASP A 224 29.31 5.32 -42.20
N SER A 225 29.04 6.52 -42.79
CA SER A 225 29.22 7.83 -42.15
C SER A 225 28.78 8.01 -40.67
N HIS A 226 27.49 7.83 -40.39
CA HIS A 226 26.94 8.09 -39.06
C HIS A 226 27.53 7.18 -38.01
N GLY A 227 27.49 5.89 -38.28
CA GLY A 227 28.02 4.85 -37.41
C GLY A 227 29.50 4.97 -37.14
N THR A 228 30.30 5.30 -38.15
CA THR A 228 31.74 5.45 -37.96
C THR A 228 32.00 6.63 -37.04
N HIS A 229 31.38 7.79 -37.32
CA HIS A 229 31.56 8.95 -36.45
C HIS A 229 31.23 8.64 -35.00
N LEU A 230 30.09 7.98 -34.76
CA LEU A 230 29.66 7.62 -33.40
C LEU A 230 30.57 6.60 -32.74
N ALA A 231 31.07 5.63 -33.48
CA ALA A 231 32.01 4.66 -32.92
C ALA A 231 33.27 5.35 -32.51
N GLY A 232 33.64 6.39 -33.26
CA GLY A 232 34.82 7.20 -32.94
C GLY A 232 34.59 8.00 -31.67
N VAL A 233 33.41 8.65 -31.54
CA VAL A 233 33.10 9.45 -30.34
C VAL A 233 33.09 8.57 -29.11
N VAL A 234 32.60 7.34 -29.23
CA VAL A 234 32.56 6.45 -28.08
C VAL A 234 33.95 5.95 -27.68
N SER A 235 34.79 5.50 -28.65
CA SER A 235 36.07 4.84 -28.33
C SER A 235 37.25 5.07 -29.27
N GLY A 236 37.21 6.12 -30.07
CA GLY A 236 38.27 6.45 -31.01
C GLY A 236 39.60 6.76 -30.35
N ARG A 237 40.73 6.22 -30.89
CA ARG A 237 42.09 6.40 -30.33
C ARG A 237 42.45 7.81 -29.86
N ASP A 238 42.20 8.83 -30.69
CA ASP A 238 42.59 10.22 -30.39
C ASP A 238 41.47 11.14 -29.99
N ALA A 239 40.27 10.96 -30.57
CA ALA A 239 39.09 11.80 -30.36
C ALA A 239 37.94 11.11 -29.57
N GLY A 240 38.13 9.86 -29.16
CA GLY A 240 37.13 9.13 -28.40
C GLY A 240 37.16 9.45 -26.93
N VAL A 241 36.09 9.03 -26.24
CA VAL A 241 35.91 9.26 -24.82
C VAL A 241 36.54 8.09 -24.09
N ALA A 242 36.04 6.88 -24.34
CA ALA A 242 36.52 5.67 -23.69
C ALA A 242 37.42 4.92 -24.61
N LYS A 243 38.67 5.37 -24.69
CA LYS A 243 39.68 4.76 -25.57
C LYS A 243 40.01 3.25 -25.24
N GLY A 244 39.55 2.72 -24.10
CA GLY A 244 39.70 1.30 -23.79
C GLY A 244 38.35 0.58 -23.83
N ALA A 245 37.67 0.60 -25.01
CA ALA A 245 36.33 0.00 -25.12
C ALA A 245 36.14 -0.84 -26.36
N SER A 246 35.67 -2.08 -26.17
CA SER A 246 35.36 -2.97 -27.27
C SER A 246 33.99 -2.59 -27.73
N MET A 247 33.76 -2.66 -29.04
CA MET A 247 32.48 -2.31 -29.63
C MET A 247 32.00 -3.45 -30.48
N ARG A 248 30.67 -3.46 -30.75
CA ARG A 248 29.97 -4.46 -31.57
C ARG A 248 28.89 -3.71 -32.41
N SER A 249 28.98 -3.79 -33.76
CA SER A 249 28.10 -3.06 -34.66
C SER A 249 26.97 -3.93 -35.19
N LEU A 250 25.73 -3.40 -35.17
CA LEU A 250 24.51 -4.00 -35.74
C LEU A 250 23.98 -2.93 -36.74
N ARG A 251 23.62 -3.35 -37.99
CA ARG A 251 23.14 -2.43 -39.00
C ARG A 251 21.61 -2.42 -38.92
N VAL A 252 21.10 -1.32 -38.40
CA VAL A 252 19.67 -1.11 -38.18
C VAL A 252 19.17 0.12 -38.97
N LEU A 253 20.11 0.92 -39.57
CA LEU A 253 19.78 2.12 -40.38
C LEU A 253 20.39 1.96 -41.78
N ASN A 254 19.61 2.31 -42.82
CA ASN A 254 20.03 2.19 -44.22
C ASN A 254 20.87 3.40 -44.63
N CYS A 255 21.22 3.54 -45.91
CA CYS A 255 22.01 4.66 -46.44
C CYS A 255 21.41 6.01 -46.19
N GLN A 256 20.09 6.09 -46.23
CA GLN A 256 19.37 7.33 -45.96
C GLN A 256 19.20 7.59 -44.47
N GLY A 257 19.81 6.75 -43.62
CA GLY A 257 19.75 6.87 -42.17
C GLY A 257 18.41 6.49 -41.59
N LYS A 258 17.62 5.64 -42.29
CA LYS A 258 16.29 5.24 -41.85
C LYS A 258 16.27 3.76 -41.43
N GLY A 259 15.58 3.49 -40.33
CA GLY A 259 15.38 2.14 -39.82
C GLY A 259 13.90 1.93 -39.57
N THR A 260 13.51 0.82 -38.93
CA THR A 260 12.13 0.61 -38.52
C THR A 260 12.08 0.17 -37.07
N VAL A 261 10.89 0.28 -36.47
CA VAL A 261 10.76 -0.18 -35.10
C VAL A 261 11.03 -1.69 -35.08
N SER A 262 10.51 -2.44 -36.05
CA SER A 262 10.68 -3.88 -36.12
C SER A 262 12.15 -4.32 -36.25
N GLY A 263 12.94 -3.62 -37.04
CA GLY A 263 14.36 -3.94 -37.19
C GLY A 263 15.15 -3.70 -35.91
N THR A 264 14.82 -2.62 -35.20
CA THR A 264 15.46 -2.28 -33.91
C THR A 264 15.12 -3.35 -32.90
N LEU A 265 13.84 -3.73 -32.86
CA LEU A 265 13.32 -4.77 -31.99
C LEU A 265 14.13 -6.07 -32.16
N ILE A 266 14.38 -6.46 -33.44
CA ILE A 266 15.16 -7.65 -33.75
C ILE A 266 16.61 -7.44 -33.29
N GLY A 267 17.16 -6.24 -33.53
CA GLY A 267 18.49 -5.87 -33.05
C GLY A 267 18.62 -6.02 -31.55
N LEU A 268 17.60 -5.60 -30.77
CA LEU A 268 17.63 -5.72 -29.29
C LEU A 268 17.54 -7.19 -28.87
N GLU A 269 16.65 -7.93 -29.51
CA GLU A 269 16.52 -9.36 -29.25
C GLU A 269 17.86 -10.06 -29.55
N PHE A 270 18.59 -9.63 -30.60
CA PHE A 270 19.88 -10.23 -30.93
C PHE A 270 20.85 -10.04 -29.75
N ILE A 271 20.88 -8.84 -29.20
CA ILE A 271 21.70 -8.47 -28.06
C ILE A 271 21.34 -9.32 -26.85
N ARG A 272 20.06 -9.41 -26.51
CA ARG A 272 19.63 -10.23 -25.37
C ARG A 272 20.11 -11.66 -25.56
N LYS A 273 19.83 -12.23 -26.75
CA LYS A 273 20.22 -13.60 -27.07
C LYS A 273 21.72 -13.73 -26.99
N SER A 274 22.50 -12.71 -27.43
CA SER A 274 23.96 -12.79 -27.28
C SER A 274 24.31 -12.91 -25.82
N GLN A 275 23.87 -11.96 -25.02
CA GLN A 275 24.07 -11.93 -23.57
C GLN A 275 23.73 -13.31 -22.87
N LEU A 276 22.64 -13.97 -23.30
CA LEU A 276 22.21 -15.27 -22.74
C LEU A 276 23.21 -16.40 -23.03
N VAL A 277 23.71 -16.47 -24.28
CA VAL A 277 24.68 -17.47 -24.71
C VAL A 277 26.15 -17.00 -24.60
N GLN A 278 26.45 -15.83 -23.98
CA GLN A 278 27.83 -15.28 -23.95
C GLN A 278 28.24 -14.76 -22.51
N PRO A 279 29.03 -13.67 -22.26
CA PRO A 279 29.53 -13.44 -20.90
C PRO A 279 28.62 -12.76 -19.88
N VAL A 280 29.19 -12.59 -18.65
CA VAL A 280 28.63 -11.85 -17.52
C VAL A 280 29.46 -10.51 -17.46
N GLY A 281 29.86 -9.99 -18.64
CA GLY A 281 30.62 -8.76 -18.78
C GLY A 281 29.68 -7.56 -18.84
N PRO A 282 30.13 -6.33 -18.54
CA PRO A 282 29.22 -5.19 -18.59
C PRO A 282 28.85 -4.76 -20.01
N LEU A 283 27.55 -4.70 -20.31
CA LEU A 283 27.03 -4.28 -21.62
C LEU A 283 26.47 -2.89 -21.59
N VAL A 284 26.79 -2.14 -22.61
CA VAL A 284 26.24 -0.82 -22.86
C VAL A 284 25.67 -0.91 -24.28
N VAL A 285 24.53 -0.30 -24.51
CA VAL A 285 23.87 -0.31 -25.82
C VAL A 285 23.62 1.15 -26.15
N LEU A 286 24.08 1.56 -27.32
CA LEU A 286 23.92 2.91 -27.79
C LEU A 286 22.85 2.87 -28.91
N LEU A 287 21.73 3.58 -28.69
CA LEU A 287 20.60 3.68 -29.63
C LEU A 287 20.58 5.13 -30.12
N PRO A 288 21.41 5.45 -31.11
CA PRO A 288 21.49 6.85 -31.59
C PRO A 288 20.41 7.21 -32.62
N LEU A 289 19.17 6.83 -32.35
CA LEU A 289 18.05 6.96 -33.28
C LEU A 289 16.77 7.29 -32.55
N ALA A 290 15.77 7.76 -33.28
CA ALA A 290 14.49 8.10 -32.67
C ALA A 290 13.35 7.94 -33.65
N GLY A 291 12.20 7.55 -33.11
CA GLY A 291 10.93 7.47 -33.82
C GLY A 291 9.82 8.02 -32.93
N GLY A 292 8.59 8.01 -33.43
CA GLY A 292 7.45 8.43 -32.63
C GLY A 292 7.25 7.47 -31.47
N TYR A 293 6.55 7.89 -30.39
CA TYR A 293 6.35 7.02 -29.22
C TYR A 293 5.91 5.65 -29.71
N SER A 294 6.57 4.61 -29.20
CA SER A 294 6.28 3.24 -29.57
C SER A 294 6.16 2.43 -28.30
N ARG A 295 5.00 1.80 -28.09
CA ARG A 295 4.75 0.99 -26.90
C ARG A 295 5.71 -0.19 -26.87
N VAL A 296 5.83 -0.96 -27.97
CA VAL A 296 6.71 -2.14 -28.03
C VAL A 296 8.18 -1.78 -27.93
N LEU A 297 8.61 -0.66 -28.56
CA LEU A 297 10.03 -0.32 -28.48
C LEU A 297 10.44 -0.05 -27.01
N ASN A 298 9.59 0.71 -26.27
CA ASN A 298 9.80 1.01 -24.85
C ASN A 298 9.74 -0.25 -23.99
N ALA A 299 8.80 -1.18 -24.28
CA ALA A 299 8.65 -2.45 -23.57
C ALA A 299 9.91 -3.29 -23.70
N ALA A 300 10.42 -3.47 -24.92
CA ALA A 300 11.66 -4.23 -25.18
C ALA A 300 12.86 -3.58 -24.48
N CYS A 301 12.95 -2.24 -24.51
CA CYS A 301 14.03 -1.53 -23.81
C CYS A 301 13.96 -1.74 -22.29
N GLN A 302 12.74 -1.69 -21.70
CA GLN A 302 12.55 -1.94 -20.27
C GLN A 302 13.05 -3.33 -19.93
N ARG A 303 12.64 -4.36 -20.70
CA ARG A 303 13.06 -5.74 -20.46
C ARG A 303 14.57 -5.91 -20.57
N LEU A 304 15.24 -5.25 -21.56
CA LEU A 304 16.71 -5.34 -21.62
C LEU A 304 17.32 -4.63 -20.37
N ALA A 305 16.81 -3.42 -20.01
CA ALA A 305 17.30 -2.66 -18.84
C ALA A 305 17.21 -3.47 -17.52
N ARG A 306 16.10 -4.21 -17.34
CA ARG A 306 15.86 -5.06 -16.17
C ARG A 306 16.77 -6.30 -16.21
N ALA A 307 17.25 -6.70 -17.41
CA ALA A 307 18.18 -7.81 -17.58
C ALA A 307 19.64 -7.39 -17.30
N GLY A 308 19.87 -6.15 -16.88
CA GLY A 308 21.18 -5.65 -16.52
C GLY A 308 21.85 -4.74 -17.53
N VAL A 309 21.39 -4.75 -18.79
CA VAL A 309 21.99 -3.93 -19.85
C VAL A 309 21.74 -2.43 -19.63
N VAL A 310 22.74 -1.62 -19.96
CA VAL A 310 22.72 -0.16 -19.85
C VAL A 310 22.42 0.44 -21.22
N LEU A 311 21.19 0.97 -21.42
CA LEU A 311 20.77 1.56 -22.70
C LEU A 311 20.92 3.04 -22.67
N VAL A 312 21.58 3.60 -23.66
CA VAL A 312 21.79 5.03 -23.77
C VAL A 312 21.20 5.42 -25.11
N THR A 313 20.32 6.43 -25.13
CA THR A 313 19.66 6.84 -26.36
C THR A 313 19.76 8.34 -26.60
N ALA A 314 19.54 8.73 -27.84
CA ALA A 314 19.49 10.12 -28.26
C ALA A 314 18.08 10.65 -27.83
N ALA A 315 17.99 11.92 -27.41
CA ALA A 315 16.72 12.50 -27.01
C ALA A 315 15.81 12.81 -28.19
N GLY A 316 16.41 13.05 -29.37
CA GLY A 316 15.69 13.44 -30.58
C GLY A 316 16.09 14.84 -31.02
N ASN A 317 16.05 15.10 -32.37
CA ASN A 317 16.49 16.36 -32.95
C ASN A 317 15.33 17.17 -33.51
N PHE A 318 14.22 17.18 -32.80
CA PHE A 318 13.01 17.81 -33.28
C PHE A 318 12.57 19.03 -32.49
N ARG A 319 13.42 19.58 -31.59
CA ARG A 319 13.02 20.75 -30.77
C ARG A 319 11.60 20.51 -30.20
N ASP A 320 11.39 19.31 -29.66
CA ASP A 320 10.11 18.89 -29.13
C ASP A 320 10.30 18.10 -27.82
N ASP A 321 9.18 17.75 -27.15
CA ASP A 321 9.18 16.97 -25.93
C ASP A 321 9.63 15.56 -26.30
N ALA A 322 10.72 15.08 -25.71
CA ALA A 322 11.26 13.74 -25.94
C ALA A 322 10.34 12.60 -25.47
N CYS A 323 9.29 12.90 -24.70
CA CYS A 323 8.32 11.90 -24.27
C CYS A 323 7.42 11.41 -25.39
N LEU A 324 7.43 12.11 -26.53
CA LEU A 324 6.63 11.77 -27.69
C LEU A 324 7.39 10.89 -28.64
N TYR A 325 8.64 10.51 -28.27
CA TYR A 325 9.54 9.73 -29.12
C TYR A 325 10.09 8.50 -28.41
N SER A 326 10.51 7.50 -29.17
CA SER A 326 11.05 6.26 -28.61
C SER A 326 12.37 5.93 -29.35
N PRO A 327 13.34 5.28 -28.68
CA PRO A 327 13.32 4.86 -27.25
C PRO A 327 13.47 6.02 -26.22
N ALA A 328 13.58 7.31 -26.65
CA ALA A 328 13.69 8.47 -25.74
C ALA A 328 12.78 8.39 -24.50
N SER A 329 11.47 8.21 -24.71
CA SER A 329 10.44 8.15 -23.65
C SER A 329 10.51 6.91 -22.70
N ALA A 330 11.29 5.84 -23.04
CA ALA A 330 11.43 4.67 -22.15
C ALA A 330 12.08 5.13 -20.84
N PRO A 331 11.43 4.99 -19.64
CA PRO A 331 12.06 5.53 -18.40
C PRO A 331 13.39 4.91 -17.97
N GLU A 332 13.70 3.67 -18.42
CA GLU A 332 14.88 2.92 -18.01
C GLU A 332 16.11 3.30 -18.83
N VAL A 333 15.93 3.70 -20.11
CA VAL A 333 17.07 4.11 -20.92
C VAL A 333 17.54 5.48 -20.45
N ILE A 334 18.83 5.77 -20.66
CA ILE A 334 19.43 7.07 -20.33
C ILE A 334 19.32 7.91 -21.59
N THR A 335 18.42 8.91 -21.56
CA THR A 335 18.11 9.78 -22.69
C THR A 335 18.98 11.02 -22.59
N VAL A 336 19.81 11.27 -23.60
CA VAL A 336 20.77 12.36 -23.64
C VAL A 336 20.36 13.43 -24.66
N GLY A 337 20.21 14.68 -24.22
CA GLY A 337 19.97 15.83 -25.08
C GLY A 337 21.32 16.45 -25.45
N ALA A 338 21.33 17.41 -26.37
CA ALA A 338 22.59 18.01 -26.86
C ALA A 338 22.80 19.47 -26.50
N THR A 339 24.05 19.82 -26.10
CA THR A 339 24.49 21.19 -25.81
C THR A 339 25.79 21.53 -26.58
N ASN A 340 25.92 22.82 -26.91
CA ASN A 340 27.07 23.32 -27.64
C ASN A 340 28.19 23.80 -26.69
N ALA A 341 29.30 24.32 -27.26
CA ALA A 341 30.45 24.78 -26.48
C ALA A 341 30.21 26.09 -25.71
N GLN A 342 29.04 26.75 -25.91
CA GLN A 342 28.64 27.95 -25.20
C GLN A 342 27.55 27.60 -24.16
N ASP A 343 27.42 26.28 -23.81
CA ASP A 343 26.41 25.72 -22.88
C ASP A 343 24.99 26.14 -23.26
N GLN A 344 24.66 26.08 -24.57
CA GLN A 344 23.33 26.41 -25.08
C GLN A 344 22.75 25.13 -25.65
N PRO A 345 21.42 24.93 -25.62
CA PRO A 345 20.87 23.73 -26.25
C PRO A 345 21.08 23.84 -27.78
N VAL A 346 21.55 22.75 -28.40
CA VAL A 346 21.93 22.69 -29.83
C VAL A 346 20.78 22.99 -30.76
N THR A 347 21.06 23.80 -31.79
CA THR A 347 20.14 24.15 -32.88
C THR A 347 20.62 23.47 -34.15
N LEU A 348 19.69 22.77 -34.82
CA LEU A 348 19.95 22.00 -36.03
C LEU A 348 18.99 22.55 -37.11
N GLY A 349 19.39 23.67 -37.67
CA GLY A 349 18.59 24.36 -38.66
C GLY A 349 17.43 25.07 -38.00
N THR A 350 16.20 24.60 -38.28
CA THR A 350 14.96 25.15 -37.72
C THR A 350 14.47 24.38 -36.46
N LEU A 351 15.04 23.19 -36.22
CA LEU A 351 14.73 22.33 -35.09
C LEU A 351 15.94 22.41 -34.10
N GLY A 352 16.24 21.32 -33.40
CA GLY A 352 17.34 21.28 -32.44
C GLY A 352 17.15 20.15 -31.46
N THR A 353 17.89 20.17 -30.34
CA THR A 353 17.76 19.16 -29.29
C THR A 353 16.36 19.07 -28.69
N ASN A 354 15.90 17.84 -28.41
CA ASN A 354 14.61 17.66 -27.73
C ASN A 354 14.83 18.00 -26.26
N PHE A 355 13.73 18.15 -25.50
CA PHE A 355 13.78 18.57 -24.09
C PHE A 355 12.69 17.88 -23.25
N GLY A 356 12.56 18.28 -21.99
CA GLY A 356 11.51 17.78 -21.10
C GLY A 356 11.96 16.77 -20.09
N ARG A 357 10.98 16.30 -19.30
CA ARG A 357 11.21 15.37 -18.20
C ARG A 357 11.81 14.00 -18.64
N CYS A 358 11.56 13.55 -19.90
CA CYS A 358 12.11 12.28 -20.39
C CYS A 358 13.59 12.37 -20.75
N VAL A 359 14.21 13.59 -20.77
CA VAL A 359 15.66 13.75 -20.98
C VAL A 359 16.31 13.55 -19.59
N ASP A 360 17.39 12.79 -19.51
CA ASP A 360 18.06 12.51 -18.23
C ASP A 360 19.17 13.54 -17.92
N LEU A 361 19.92 13.89 -18.93
CA LEU A 361 20.99 14.88 -18.87
C LEU A 361 21.30 15.31 -20.31
N PHE A 362 22.20 16.29 -20.45
CA PHE A 362 22.66 16.78 -21.75
C PHE A 362 24.13 16.40 -21.85
N ALA A 363 24.72 16.46 -23.05
CA ALA A 363 26.14 16.15 -23.27
C ALA A 363 26.61 16.94 -24.50
N PRO A 364 27.94 17.06 -24.76
CA PRO A 364 28.38 17.81 -25.96
C PRO A 364 27.81 17.23 -27.27
N GLY A 365 27.08 18.03 -28.04
CA GLY A 365 26.46 17.56 -29.28
C GLY A 365 26.46 18.50 -30.48
N GLU A 366 27.30 19.53 -30.49
CA GLU A 366 27.39 20.44 -31.63
C GLU A 366 28.85 20.54 -32.00
N ASP A 367 29.15 20.36 -33.30
CA ASP A 367 30.49 20.41 -33.84
C ASP A 367 31.40 19.49 -33.06
N ILE A 368 31.14 18.19 -33.22
CA ILE A 368 31.88 17.13 -32.55
C ILE A 368 32.82 16.47 -33.54
N ILE A 369 34.15 16.55 -33.30
CA ILE A 369 35.14 15.91 -34.16
C ILE A 369 35.13 14.40 -33.92
N GLY A 370 35.02 13.65 -35.00
CA GLY A 370 35.06 12.19 -34.94
C GLY A 370 35.42 11.58 -36.27
N ALA A 371 35.75 10.29 -36.27
CA ALA A 371 36.13 9.54 -37.46
C ALA A 371 35.22 9.79 -38.66
N SER A 372 35.82 9.97 -39.85
CA SER A 372 35.10 10.16 -41.10
C SER A 372 35.36 8.95 -41.96
N SER A 373 34.33 8.43 -42.60
CA SER A 373 34.41 7.31 -43.53
C SER A 373 35.15 7.70 -44.84
N ASP A 374 35.43 9.02 -45.08
CA ASP A 374 36.14 9.50 -46.27
C ASP A 374 37.50 8.84 -46.43
N CYS A 375 38.22 8.61 -45.32
CA CYS A 375 39.50 7.90 -45.36
C CYS A 375 39.83 7.32 -43.99
N SER A 376 40.73 6.34 -43.98
CA SER A 376 41.16 5.63 -42.79
C SER A 376 41.80 6.51 -41.70
N THR A 377 42.14 7.78 -41.98
CA THR A 377 42.72 8.68 -40.98
C THR A 377 42.01 10.06 -40.94
N CYS A 378 40.80 10.12 -41.51
CA CYS A 378 40.04 11.36 -41.62
C CYS A 378 39.17 11.62 -40.43
N PHE A 379 38.88 12.90 -40.19
CA PHE A 379 38.00 13.36 -39.14
C PHE A 379 36.91 14.22 -39.74
N VAL A 380 35.79 14.36 -39.02
CA VAL A 380 34.67 15.18 -39.48
C VAL A 380 33.93 15.70 -38.28
N SER A 381 33.36 16.91 -38.41
CA SER A 381 32.61 17.59 -37.36
C SER A 381 31.09 17.31 -37.54
N GLN A 382 30.47 16.51 -36.66
CA GLN A 382 29.01 16.26 -36.74
C GLN A 382 28.28 16.83 -35.52
N SER A 383 26.94 17.05 -35.64
CA SER A 383 26.10 17.63 -34.58
C SER A 383 24.78 16.86 -34.46
N GLY A 384 24.22 16.81 -33.24
CA GLY A 384 22.99 16.09 -32.97
C GLY A 384 22.97 15.36 -31.65
N THR A 385 21.83 14.77 -31.31
CA THR A 385 21.67 14.10 -30.02
C THR A 385 22.26 12.70 -30.05
N SER A 386 22.61 12.17 -31.23
CA SER A 386 23.31 10.88 -31.24
C SER A 386 24.76 11.15 -30.83
N GLN A 387 25.30 12.31 -31.27
CA GLN A 387 26.66 12.71 -30.89
C GLN A 387 26.75 12.77 -29.34
N ALA A 388 25.78 13.48 -28.74
CA ALA A 388 25.60 13.62 -27.29
C ALA A 388 25.49 12.22 -26.63
N ALA A 389 24.60 11.37 -27.10
CA ALA A 389 24.47 10.01 -26.55
C ALA A 389 25.81 9.26 -26.52
N ALA A 390 26.58 9.29 -27.64
CA ALA A 390 27.88 8.64 -27.76
C ALA A 390 28.86 9.10 -26.68
N HIS A 391 28.82 10.40 -26.24
CA HIS A 391 29.65 10.85 -25.09
C HIS A 391 29.23 10.10 -23.82
N VAL A 392 27.92 10.00 -23.55
CA VAL A 392 27.43 9.32 -22.37
C VAL A 392 27.71 7.84 -22.45
N ALA A 393 27.61 7.23 -23.64
CA ALA A 393 27.90 5.81 -23.78
C ALA A 393 29.39 5.57 -23.45
N GLY A 394 30.25 6.53 -23.82
CA GLY A 394 31.68 6.49 -23.51
C GLY A 394 31.94 6.61 -22.02
N ILE A 395 31.30 7.60 -21.38
CA ILE A 395 31.41 7.82 -19.94
C ILE A 395 30.98 6.54 -19.19
N ALA A 396 29.79 5.99 -19.53
CA ALA A 396 29.27 4.76 -18.91
C ALA A 396 30.29 3.63 -19.07
N ALA A 397 30.89 3.50 -20.28
CA ALA A 397 31.89 2.46 -20.55
C ALA A 397 33.13 2.61 -19.67
N MET A 398 33.57 3.86 -19.39
CA MET A 398 34.72 4.10 -18.52
C MET A 398 34.37 3.77 -17.08
N MET A 399 33.21 4.23 -16.59
CA MET A 399 32.79 3.94 -15.22
C MET A 399 32.70 2.41 -15.01
N LEU A 400 32.16 1.71 -16.01
CA LEU A 400 32.00 0.25 -15.95
C LEU A 400 33.34 -0.48 -16.07
N SER A 401 34.33 0.04 -16.82
CA SER A 401 35.64 -0.62 -16.85
C SER A 401 36.32 -0.56 -15.46
N ALA A 402 36.03 0.49 -14.65
CA ALA A 402 36.56 0.61 -13.29
C ALA A 402 35.76 -0.24 -12.29
N GLU A 403 34.41 -0.12 -12.27
CA GLU A 403 33.51 -0.84 -11.35
C GLU A 403 32.54 -1.73 -12.14
N PRO A 404 32.97 -2.88 -12.69
CA PRO A 404 32.08 -3.68 -13.55
C PRO A 404 30.81 -4.23 -12.93
N GLU A 405 30.79 -4.44 -11.61
CA GLU A 405 29.59 -4.92 -10.94
C GLU A 405 28.56 -3.80 -10.64
N LEU A 406 28.82 -2.57 -11.13
CA LEU A 406 27.95 -1.42 -10.93
C LEU A 406 26.61 -1.65 -11.61
N THR A 407 25.50 -1.37 -10.91
CA THR A 407 24.15 -1.55 -11.46
C THR A 407 23.74 -0.33 -12.28
N LEU A 408 22.61 -0.42 -12.98
CA LEU A 408 22.10 0.69 -13.79
C LEU A 408 21.62 1.86 -12.90
N ALA A 409 20.97 1.58 -11.75
CA ALA A 409 20.55 2.68 -10.85
C ALA A 409 21.78 3.47 -10.39
N GLU A 410 22.86 2.73 -9.99
CA GLU A 410 24.12 3.31 -9.52
C GLU A 410 24.75 4.12 -10.63
N LEU A 411 24.76 3.56 -11.86
CA LEU A 411 25.33 4.24 -13.00
C LEU A 411 24.60 5.55 -13.32
N ARG A 412 23.26 5.52 -13.43
CA ARG A 412 22.42 6.71 -13.71
C ARG A 412 22.65 7.81 -12.62
N GLN A 413 22.63 7.37 -11.36
CA GLN A 413 22.86 8.23 -10.20
C GLN A 413 24.24 8.84 -10.23
N ARG A 414 25.29 8.03 -10.55
CA ARG A 414 26.67 8.51 -10.70
C ARG A 414 26.76 9.51 -11.84
N LEU A 415 26.17 9.20 -13.03
CA LEU A 415 26.16 10.16 -14.14
C LEU A 415 25.61 11.50 -13.69
N ILE A 416 24.42 11.52 -13.05
CA ILE A 416 23.81 12.78 -12.62
C ILE A 416 24.66 13.45 -11.60
N HIS A 417 25.28 12.71 -10.70
CA HIS A 417 26.11 13.33 -9.68
C HIS A 417 27.33 14.11 -10.24
N PHE A 418 28.10 13.53 -11.16
CA PHE A 418 29.31 14.15 -11.69
C PHE A 418 29.09 15.20 -12.76
N SER A 419 27.90 15.36 -13.28
CA SER A 419 27.66 16.37 -14.29
C SER A 419 27.72 17.80 -13.74
N ALA A 420 27.94 18.79 -14.63
CA ALA A 420 27.97 20.20 -14.29
C ALA A 420 26.54 20.68 -14.15
N LYS A 421 26.20 21.32 -13.02
CA LYS A 421 24.83 21.77 -12.75
C LYS A 421 24.63 23.29 -13.09
N ASP A 422 23.40 23.68 -13.47
CA ASP A 422 23.00 25.06 -13.79
C ASP A 422 23.80 25.77 -14.92
N VAL A 423 24.60 25.05 -15.71
CA VAL A 423 25.40 25.69 -16.77
C VAL A 423 24.58 26.05 -18.03
N ILE A 424 23.53 25.30 -18.36
CA ILE A 424 22.76 25.49 -19.60
C ILE A 424 21.80 26.67 -19.56
N ASN A 425 21.76 27.48 -20.64
CA ASN A 425 20.80 28.60 -20.71
C ASN A 425 19.43 28.05 -21.09
N GLU A 426 18.51 27.96 -20.10
CA GLU A 426 17.17 27.39 -20.32
C GLU A 426 16.24 28.27 -21.19
N ALA A 427 16.63 29.54 -21.50
CA ALA A 427 15.82 30.46 -22.33
C ALA A 427 15.34 29.88 -23.66
N TRP A 428 16.23 29.10 -24.35
CA TRP A 428 15.97 28.48 -25.65
C TRP A 428 14.81 27.46 -25.64
N PHE A 429 14.54 26.81 -24.50
CA PHE A 429 13.43 25.84 -24.39
C PHE A 429 12.11 26.55 -24.21
N PRO A 430 10.96 25.89 -24.52
CA PRO A 430 9.65 26.51 -24.23
C PRO A 430 9.50 26.78 -22.74
N GLU A 431 8.85 27.90 -22.34
CA GLU A 431 8.79 28.25 -20.93
C GLU A 431 8.22 27.14 -20.05
N ASP A 432 7.11 26.54 -20.47
CA ASP A 432 6.49 25.50 -19.65
C ASP A 432 7.31 24.21 -19.57
N GLN A 433 8.29 24.01 -20.48
CA GLN A 433 9.16 22.85 -20.48
C GLN A 433 10.49 23.04 -19.71
N ARG A 434 10.83 24.28 -19.29
CA ARG A 434 12.12 24.56 -18.60
C ARG A 434 12.29 23.86 -17.24
N VAL A 435 11.22 23.90 -16.41
CA VAL A 435 11.19 23.29 -15.08
C VAL A 435 11.48 21.79 -15.25
N LEU A 436 10.82 21.21 -16.25
CA LEU A 436 10.84 19.78 -16.55
C LEU A 436 12.17 19.30 -17.14
N THR A 437 12.96 20.21 -17.73
CA THR A 437 14.22 19.83 -18.37
C THR A 437 15.36 19.91 -17.38
N PRO A 438 16.18 18.82 -17.23
CA PRO A 438 17.31 18.89 -16.30
C PRO A 438 18.36 19.85 -16.80
N ASN A 439 19.01 20.56 -15.89
CA ASN A 439 20.08 21.45 -16.26
C ASN A 439 21.35 20.71 -15.86
N LEU A 440 21.69 19.69 -16.64
CA LEU A 440 22.84 18.84 -16.38
C LEU A 440 23.63 18.59 -17.65
N VAL A 441 24.96 18.75 -17.60
CA VAL A 441 25.81 18.46 -18.74
C VAL A 441 26.75 17.39 -18.29
N ALA A 442 26.74 16.24 -18.97
CA ALA A 442 27.57 15.09 -18.62
C ALA A 442 29.06 15.42 -18.36
N ALA A 443 29.70 14.63 -17.51
CA ALA A 443 31.13 14.76 -17.23
C ALA A 443 31.61 13.52 -16.58
N LEU A 444 32.89 13.21 -16.77
CA LEU A 444 33.52 12.04 -16.19
C LEU A 444 33.74 12.23 -14.67
N PRO A 445 33.89 11.14 -13.88
CA PRO A 445 34.22 11.31 -12.46
C PRO A 445 35.67 11.77 -12.32
N PRO A 446 36.05 12.49 -11.23
CA PRO A 446 37.45 12.93 -11.09
C PRO A 446 38.31 11.96 -10.27
N TRP A 453 29.17 4.20 1.64
CA TRP A 453 30.08 4.95 0.77
C TRP A 453 29.53 6.36 0.50
N GLN A 454 28.37 6.48 -0.17
CA GLN A 454 27.82 7.79 -0.50
C GLN A 454 26.32 7.79 -0.80
N LEU A 455 25.64 8.89 -0.46
CA LEU A 455 24.20 9.09 -0.68
C LEU A 455 23.97 9.88 -1.96
N PHE A 456 23.29 9.28 -2.94
CA PHE A 456 22.95 9.90 -4.21
C PHE A 456 21.46 10.03 -4.32
N CYS A 457 20.98 11.23 -4.75
CA CYS A 457 19.57 11.49 -5.02
C CYS A 457 19.41 12.10 -6.37
N ARG A 458 18.20 12.00 -6.90
CA ARG A 458 17.83 12.57 -8.16
C ARG A 458 16.35 12.84 -8.16
N THR A 459 15.95 13.89 -8.87
CA THR A 459 14.57 14.34 -8.95
C THR A 459 13.92 13.64 -10.12
N VAL A 460 12.66 13.24 -9.94
CA VAL A 460 11.88 12.59 -10.97
C VAL A 460 10.55 13.31 -11.06
N TRP A 461 10.28 13.96 -12.18
CA TRP A 461 9.03 14.64 -12.40
C TRP A 461 8.06 13.66 -13.04
N SER A 462 6.79 13.81 -12.71
CA SER A 462 5.72 13.03 -13.31
C SER A 462 5.26 13.74 -14.56
N ALA A 463 4.35 13.07 -15.29
CA ALA A 463 3.64 13.64 -16.43
C ALA A 463 2.55 14.48 -15.77
N HIS A 464 2.09 15.52 -16.44
CA HIS A 464 1.05 16.37 -15.90
C HIS A 464 -0.24 15.54 -15.68
N SER A 465 -1.01 15.85 -14.64
CA SER A 465 -2.28 15.14 -14.42
C SER A 465 -3.34 15.72 -15.39
N GLY A 466 -4.51 15.13 -15.42
CA GLY A 466 -5.58 15.72 -16.21
C GLY A 466 -6.13 16.97 -15.54
N PRO A 467 -7.06 17.71 -16.17
CA PRO A 467 -7.67 18.86 -15.48
C PRO A 467 -8.81 18.46 -14.55
N THR A 468 -9.27 17.17 -14.56
CA THR A 468 -10.33 16.64 -13.68
C THR A 468 -10.02 16.95 -12.21
N ARG A 469 -11.02 17.26 -11.36
CA ARG A 469 -10.72 17.63 -9.98
C ARG A 469 -10.11 16.49 -9.16
N MET A 470 -10.39 15.23 -9.51
CA MET A 470 -9.81 14.10 -8.79
C MET A 470 -8.66 13.49 -9.62
N ALA A 471 -8.05 14.28 -10.52
CA ALA A 471 -6.93 13.85 -11.34
C ALA A 471 -5.67 13.80 -10.50
N THR A 472 -4.83 12.75 -10.72
CA THR A 472 -3.57 12.58 -10.01
C THR A 472 -2.40 12.34 -10.96
N ALA A 473 -1.21 12.82 -10.56
CA ALA A 473 0.07 12.62 -11.23
C ALA A 473 0.83 11.65 -10.37
N ILE A 474 1.59 10.74 -10.99
CA ILE A 474 2.36 9.72 -10.26
C ILE A 474 3.81 9.78 -10.72
N ALA A 475 4.76 9.96 -9.78
CA ALA A 475 6.21 9.95 -10.05
C ALA A 475 6.78 8.69 -9.40
N ARG A 476 7.42 7.81 -10.21
CA ARG A 476 7.95 6.55 -9.71
C ARG A 476 9.47 6.54 -9.78
N CYS A 477 10.12 5.85 -8.82
CA CYS A 477 11.57 5.67 -8.83
C CYS A 477 11.95 4.36 -9.58
N ALA A 478 13.26 4.17 -9.83
CA ALA A 478 13.77 2.94 -10.44
C ALA A 478 13.67 1.82 -9.38
N PRO A 479 13.64 0.53 -9.76
CA PRO A 479 13.45 -0.54 -8.73
C PRO A 479 14.43 -0.54 -7.55
N ASP A 480 15.75 -0.36 -7.79
CA ASP A 480 16.73 -0.37 -6.69
C ASP A 480 16.77 0.91 -5.82
N GLU A 481 16.02 2.00 -6.15
CA GLU A 481 16.06 3.31 -5.44
C GLU A 481 15.04 3.45 -4.29
N GLU A 482 15.23 4.43 -3.40
CA GLU A 482 14.28 4.68 -2.27
C GLU A 482 13.61 6.05 -2.44
N LEU A 483 12.27 6.09 -2.30
CA LEU A 483 11.52 7.36 -2.40
C LEU A 483 11.67 7.98 -1.03
N LEU A 484 12.49 9.01 -0.98
CA LEU A 484 12.89 9.67 0.23
C LEU A 484 12.04 10.93 0.53
N SER A 485 11.37 11.51 -0.48
CA SER A 485 10.47 12.65 -0.34
C SER A 485 9.67 12.82 -1.63
N CYS A 486 8.61 13.61 -1.54
CA CYS A 486 7.62 13.80 -2.59
C CYS A 486 7.01 15.22 -2.48
N SER A 487 6.99 15.97 -3.59
CA SER A 487 6.40 17.30 -3.62
C SER A 487 5.55 17.44 -4.86
N SER A 488 4.85 18.59 -4.99
CA SER A 488 3.96 18.85 -6.10
C SER A 488 4.05 20.29 -6.52
N PHE A 489 3.59 20.56 -7.76
CA PHE A 489 3.68 21.86 -8.41
C PHE A 489 2.55 22.01 -9.45
N SER A 490 1.91 23.16 -9.43
CA SER A 490 0.83 23.52 -10.35
C SER A 490 1.13 24.91 -10.86
N ARG A 491 0.85 25.19 -12.13
CA ARG A 491 1.10 26.53 -12.66
C ARG A 491 0.09 27.56 -12.08
N SER A 492 -1.15 27.11 -11.82
CA SER A 492 -2.22 27.90 -11.19
C SER A 492 -2.07 27.94 -9.68
N GLY A 493 -1.34 26.98 -9.13
CA GLY A 493 -1.14 26.83 -7.70
C GLY A 493 -2.28 26.14 -6.95
N LYS A 494 -3.30 25.60 -7.67
CA LYS A 494 -4.43 24.91 -7.03
C LYS A 494 -4.10 23.41 -6.85
N ARG A 495 -3.68 23.02 -5.61
CA ARG A 495 -3.23 21.66 -5.26
C ARG A 495 -3.79 21.19 -3.91
N ARG A 496 -4.08 19.86 -3.78
CA ARG A 496 -4.49 19.27 -2.51
C ARG A 496 -3.24 18.73 -1.78
N GLY A 497 -2.06 18.84 -2.38
CA GLY A 497 -0.86 18.32 -1.76
C GLY A 497 -0.45 17.03 -2.39
N GLU A 498 0.30 16.20 -1.68
CA GLU A 498 0.83 14.97 -2.25
C GLU A 498 0.96 13.84 -1.23
N ARG A 499 1.13 12.59 -1.69
CA ARG A 499 1.18 11.42 -0.81
C ARG A 499 2.25 10.42 -1.24
N MET A 500 3.05 9.91 -0.28
CA MET A 500 4.03 8.85 -0.53
C MET A 500 3.34 7.53 -0.20
N GLU A 501 2.78 6.84 -1.21
CA GLU A 501 2.06 5.59 -1.00
C GLU A 501 2.53 4.43 -1.82
N ALA A 502 2.33 3.21 -1.26
CA ALA A 502 2.69 1.96 -1.92
C ALA A 502 1.74 1.72 -3.06
N GLN A 503 2.28 1.25 -4.18
CA GLN A 503 1.52 0.93 -5.38
C GLN A 503 2.28 -0.21 -6.03
N GLY A 504 1.84 -1.44 -5.76
CA GLY A 504 2.51 -2.62 -6.26
C GLY A 504 3.78 -2.89 -5.49
N GLY A 505 3.69 -2.83 -4.16
CA GLY A 505 4.83 -3.08 -3.29
C GLY A 505 5.92 -2.01 -3.21
N LYS A 506 5.91 -1.01 -4.11
CA LYS A 506 6.91 0.05 -4.12
C LYS A 506 6.23 1.37 -3.81
N LEU A 507 6.96 2.30 -3.19
CA LEU A 507 6.41 3.62 -2.93
C LEU A 507 6.43 4.45 -4.19
N VAL A 508 5.41 5.30 -4.33
CA VAL A 508 5.30 6.25 -5.42
C VAL A 508 4.91 7.56 -4.79
N CYS A 509 5.10 8.64 -5.53
CA CYS A 509 4.81 10.00 -5.10
C CYS A 509 3.62 10.37 -5.96
N ARG A 510 2.39 10.39 -5.35
CA ARG A 510 1.15 10.67 -6.07
C ARG A 510 0.65 12.06 -5.74
N ALA A 511 0.73 13.05 -6.67
CA ALA A 511 0.20 14.41 -6.45
C ALA A 511 -1.27 14.46 -6.83
N HIS A 512 -2.05 15.31 -6.14
CA HIS A 512 -3.50 15.43 -6.36
C HIS A 512 -3.88 16.83 -6.80
N ASN A 513 -4.63 16.93 -7.91
CA ASN A 513 -5.18 18.20 -8.42
C ASN A 513 -6.35 18.66 -7.52
N ALA A 514 -6.62 19.97 -7.44
CA ALA A 514 -7.70 20.53 -6.61
C ALA A 514 -8.89 20.91 -7.44
N PHE A 515 -9.96 21.31 -6.73
CA PHE A 515 -11.20 21.81 -7.32
C PHE A 515 -10.89 23.12 -8.05
N GLY A 516 -11.22 23.16 -9.33
CA GLY A 516 -10.95 24.31 -10.17
C GLY A 516 -9.56 24.36 -10.78
N GLY A 517 -8.68 23.43 -10.38
CA GLY A 517 -7.30 23.38 -10.83
C GLY A 517 -7.13 22.82 -12.23
N GLU A 518 -6.12 23.34 -12.96
CA GLU A 518 -5.76 22.94 -14.33
C GLU A 518 -5.07 21.57 -14.45
N GLY A 519 -4.42 21.12 -13.36
CA GLY A 519 -3.65 19.89 -13.27
C GLY A 519 -2.42 20.13 -12.42
N VAL A 520 -1.66 19.09 -12.09
CA VAL A 520 -0.45 19.19 -11.24
C VAL A 520 0.60 18.19 -11.68
N TYR A 521 1.83 18.39 -11.17
CA TYR A 521 2.93 17.46 -11.34
C TYR A 521 3.34 16.93 -9.95
N ALA A 522 3.77 15.66 -9.91
CA ALA A 522 4.33 14.99 -8.74
C ALA A 522 5.87 15.03 -8.95
N ILE A 523 6.65 15.47 -7.96
CA ILE A 523 8.10 15.52 -8.08
C ILE A 523 8.68 14.59 -7.00
N ALA A 524 9.16 13.42 -7.41
CA ALA A 524 9.79 12.46 -6.47
C ALA A 524 11.27 12.75 -6.34
N ARG A 525 11.83 12.37 -5.20
CA ARG A 525 13.27 12.44 -4.97
C ARG A 525 13.72 11.00 -4.68
N CYS A 526 14.34 10.38 -5.71
CA CYS A 526 14.78 8.98 -5.73
C CYS A 526 16.21 8.86 -5.42
N CYS A 527 16.54 8.04 -4.42
CA CYS A 527 17.90 7.96 -3.91
C CYS A 527 18.43 6.57 -3.77
N LEU A 528 19.77 6.49 -3.66
CA LEU A 528 20.52 5.26 -3.43
C LEU A 528 21.26 5.44 -2.11
N LEU A 529 20.70 4.83 -1.07
CA LEU A 529 21.17 4.97 0.31
C LEU A 529 21.76 3.61 0.71
N PRO A 530 23.09 3.56 1.06
CA PRO A 530 23.77 2.30 1.40
C PRO A 530 22.95 1.12 1.99
N GLN A 531 22.74 1.00 3.32
CA GLN A 531 22.00 -0.14 3.86
C GLN A 531 20.75 0.38 4.55
N ALA A 532 19.82 0.86 3.73
CA ALA A 532 18.60 1.47 4.18
C ALA A 532 17.45 0.54 4.54
N ASN A 533 16.81 0.77 5.69
CA ASN A 533 15.54 0.15 6.04
C ASN A 533 14.66 1.41 6.17
N CYS A 534 14.05 1.87 5.03
CA CYS A 534 13.17 3.06 5.04
C CYS A 534 11.70 2.72 5.09
N SER A 535 10.90 3.59 5.68
CA SER A 535 9.44 3.39 5.73
C SER A 535 8.72 4.75 5.87
N VAL A 536 7.50 4.89 5.32
CA VAL A 536 6.72 6.12 5.42
C VAL A 536 5.67 5.93 6.51
N HIS A 537 5.50 6.93 7.36
CA HIS A 537 4.50 6.88 8.44
C HIS A 537 3.53 8.00 8.19
N THR A 538 2.23 7.68 8.26
CA THR A 538 1.20 8.68 8.07
C THR A 538 0.74 9.24 9.39
N ALA A 539 0.86 10.56 9.57
CA ALA A 539 0.35 11.26 10.75
C ALA A 539 -0.97 11.91 10.33
N PRO A 540 -2.00 11.94 11.21
CA PRO A 540 -3.29 12.52 10.79
C PRO A 540 -3.31 14.04 10.94
N PRO A 541 -4.39 14.68 10.43
CA PRO A 541 -4.58 16.12 10.68
C PRO A 541 -4.58 16.42 12.20
N ALA A 542 -4.08 17.58 12.62
CA ALA A 542 -3.98 17.95 14.02
C ALA A 542 -4.58 19.31 14.31
N GLU A 543 -5.90 19.35 14.51
CA GLU A 543 -6.65 20.56 14.87
C GLU A 543 -6.69 20.75 16.38
N ALA A 544 -6.31 19.73 17.18
CA ALA A 544 -6.28 19.86 18.63
C ALA A 544 -5.10 20.73 19.06
N SER A 545 -5.05 21.09 20.29
CA SER A 545 -3.98 21.96 20.78
C SER A 545 -2.63 21.26 20.81
N MET A 546 -2.61 19.91 20.94
CA MET A 546 -1.40 19.09 20.97
C MET A 546 -1.41 17.99 19.86
N GLY A 547 -0.34 17.20 19.85
CA GLY A 547 -0.16 16.11 18.89
C GLY A 547 0.18 16.55 17.50
N THR A 548 0.60 17.81 17.34
CA THR A 548 0.90 18.46 16.06
C THR A 548 2.29 18.10 15.52
N ARG A 549 3.25 17.86 16.39
CA ARG A 549 4.59 17.57 15.92
C ARG A 549 4.74 16.19 15.28
N VAL A 550 5.10 16.16 13.98
CA VAL A 550 5.31 14.89 13.24
C VAL A 550 6.81 14.70 13.04
N HIS A 551 7.34 13.55 13.44
CA HIS A 551 8.76 13.28 13.33
C HIS A 551 9.05 11.79 13.34
N CYS A 552 10.32 11.40 13.13
CA CYS A 552 10.72 9.99 13.19
C CYS A 552 11.09 9.64 14.62
N HIS A 553 10.07 9.51 15.46
CA HIS A 553 10.12 9.12 16.86
C HIS A 553 10.91 7.83 17.08
N GLN A 554 11.11 6.97 16.08
CA GLN A 554 11.88 5.72 16.25
C GLN A 554 13.39 5.95 16.45
N GLN A 555 14.00 5.29 17.48
CA GLN A 555 15.46 5.42 17.69
C GLN A 555 16.24 4.86 16.53
N GLY A 556 17.17 5.67 16.04
CA GLY A 556 18.00 5.29 14.91
C GLY A 556 17.38 5.64 13.58
N HIS A 557 16.04 5.98 13.52
CA HIS A 557 15.37 6.38 12.27
C HIS A 557 15.36 7.87 12.17
N VAL A 558 15.70 8.38 10.98
CA VAL A 558 15.84 9.80 10.73
C VAL A 558 14.96 10.26 9.55
N LEU A 559 14.34 11.45 9.74
CA LEU A 559 13.41 12.10 8.81
C LEU A 559 14.14 12.65 7.62
N THR A 560 13.87 12.07 6.44
CA THR A 560 14.48 12.44 5.17
C THR A 560 13.53 13.30 4.30
N GLY A 561 12.21 13.20 4.51
CA GLY A 561 11.22 13.95 3.74
C GLY A 561 9.81 13.90 4.25
N CYS A 562 9.03 14.98 3.99
CA CYS A 562 7.61 15.17 4.38
C CYS A 562 6.74 15.47 3.18
N SER A 563 5.53 14.89 3.19
CA SER A 563 4.48 15.16 2.23
C SER A 563 3.31 15.65 3.05
N SER A 564 2.47 16.45 2.45
CA SER A 564 1.31 17.05 3.09
C SER A 564 0.15 16.83 2.12
N HIS A 565 -0.98 16.32 2.59
CA HIS A 565 -2.15 16.15 1.73
C HIS A 565 -3.37 16.76 2.44
N TRP A 566 -3.97 17.79 1.85
CA TRP A 566 -5.14 18.53 2.36
C TRP A 566 -6.32 17.59 2.54
N GLU A 567 -6.82 17.50 3.76
CA GLU A 567 -7.81 16.52 4.15
C GLU A 567 -9.21 17.10 4.42
N VAL A 568 -9.55 18.23 3.78
CA VAL A 568 -10.89 18.83 3.89
C VAL A 568 -11.62 18.58 2.56
N GLU A 569 -12.83 18.00 2.63
CA GLU A 569 -13.67 17.68 1.46
C GLU A 569 -13.96 18.95 0.66
N ASP A 570 -13.99 18.83 -0.69
CA ASP A 570 -14.23 19.99 -1.58
C ASP A 570 -15.58 20.68 -1.34
N LEU A 571 -16.61 19.93 -0.90
CA LEU A 571 -17.93 20.50 -0.56
C LEU A 571 -17.98 21.14 0.84
N GLY A 572 -16.96 20.88 1.67
CA GLY A 572 -16.89 21.46 3.01
C GLY A 572 -16.58 22.95 3.05
N THR A 573 -17.03 23.63 4.14
CA THR A 573 -16.79 25.07 4.37
C THR A 573 -15.29 25.33 4.38
N HIS A 574 -14.80 26.13 3.45
CA HIS A 574 -13.37 26.40 3.34
C HIS A 574 -12.96 27.57 4.23
N LYS A 575 -12.00 27.37 5.13
CA LYS A 575 -11.47 28.36 6.06
C LYS A 575 -9.93 28.40 5.84
N PRO A 576 -9.23 29.55 6.04
CA PRO A 576 -7.80 29.56 5.71
C PRO A 576 -6.94 28.62 6.56
N PRO A 577 -6.13 27.78 5.88
CA PRO A 577 -5.23 26.86 6.61
C PRO A 577 -4.37 27.48 7.70
N VAL A 578 -4.16 26.72 8.79
CA VAL A 578 -3.37 27.10 9.96
C VAL A 578 -2.11 26.21 10.01
N LEU A 579 -0.94 26.81 10.21
CA LEU A 579 0.30 26.07 10.28
C LEU A 579 0.43 25.39 11.61
N ARG A 580 1.08 24.23 11.63
CA ARG A 580 1.31 23.48 12.86
C ARG A 580 2.49 24.19 13.55
N PRO A 581 2.44 24.47 14.87
CA PRO A 581 3.56 25.18 15.50
C PRO A 581 4.87 24.47 15.36
N ARG A 582 5.97 25.24 15.47
CA ARG A 582 7.30 24.69 15.33
C ARG A 582 8.04 24.70 16.66
N GLY A 583 8.33 23.50 17.16
CA GLY A 583 9.11 23.27 18.37
C GLY A 583 10.51 22.84 17.96
N GLN A 584 10.67 21.55 17.66
CA GLN A 584 11.96 20.97 17.22
C GLN A 584 12.31 21.46 15.80
N PRO A 585 13.60 21.39 15.39
CA PRO A 585 13.95 21.77 13.99
C PRO A 585 13.61 20.67 12.97
N ASN A 586 13.91 19.42 13.36
CA ASN A 586 13.72 18.19 12.59
C ASN A 586 12.31 17.59 12.77
N GLN A 587 11.31 18.31 12.27
CA GLN A 587 9.91 17.87 12.24
C GLN A 587 9.25 18.34 10.94
N CYS A 588 8.22 17.62 10.51
CA CYS A 588 7.48 18.03 9.33
C CYS A 588 6.75 19.31 9.56
N VAL A 589 6.80 20.13 8.55
CA VAL A 589 6.19 21.45 8.52
C VAL A 589 4.88 21.16 7.80
N GLY A 590 3.79 21.79 8.17
CA GLY A 590 2.53 21.49 7.50
C GLY A 590 1.34 22.18 8.13
N HIS A 591 0.19 22.08 7.47
CA HIS A 591 -1.03 22.66 8.00
C HIS A 591 -1.65 21.68 8.95
N ARG A 592 -2.36 22.19 9.93
CA ARG A 592 -3.06 21.36 10.89
C ARG A 592 -4.16 20.50 10.22
N GLU A 593 -4.73 21.00 9.14
CA GLU A 593 -5.81 20.33 8.41
C GLU A 593 -5.25 19.30 7.41
N ALA A 594 -3.92 19.08 7.34
CA ALA A 594 -3.33 18.11 6.43
C ALA A 594 -2.87 16.82 7.08
N SER A 595 -2.98 15.70 6.36
CA SER A 595 -2.36 14.48 6.81
C SER A 595 -0.84 14.63 6.44
N ILE A 596 0.08 14.16 7.27
CA ILE A 596 1.51 14.28 6.95
C ILE A 596 2.14 12.90 6.70
N HIS A 597 2.90 12.73 5.61
CA HIS A 597 3.59 11.45 5.34
C HIS A 597 5.01 11.70 5.59
N ALA A 598 5.63 10.93 6.48
CA ALA A 598 7.00 11.15 6.86
C ALA A 598 7.90 9.99 6.45
N SER A 599 8.95 10.24 5.64
CA SER A 599 9.93 9.24 5.26
C SER A 599 10.94 9.10 6.39
N CYS A 600 11.05 7.90 6.99
CA CYS A 600 11.97 7.59 8.12
C CYS A 600 12.93 6.52 7.69
N CYS A 601 14.23 6.82 7.69
CA CYS A 601 15.24 5.87 7.27
C CYS A 601 16.13 5.48 8.37
N HIS A 602 16.40 4.20 8.45
CA HIS A 602 17.37 3.65 9.37
C HIS A 602 18.49 3.14 8.47
N ALA A 603 19.63 3.81 8.55
CA ALA A 603 20.79 3.49 7.76
C ALA A 603 22.08 3.74 8.59
N PRO A 604 23.09 2.82 8.49
CA PRO A 604 24.33 2.92 9.30
C PRO A 604 24.93 4.29 9.65
N GLY A 605 25.39 5.07 8.68
CA GLY A 605 26.00 6.37 9.00
C GLY A 605 25.16 7.56 8.60
N LEU A 606 23.87 7.33 8.35
CA LEU A 606 22.97 8.36 7.86
C LEU A 606 22.74 9.41 8.90
N GLU A 607 23.09 10.65 8.58
CA GLU A 607 22.81 11.80 9.41
C GLU A 607 22.12 12.81 8.48
N CYS A 608 21.13 13.51 8.98
CA CYS A 608 20.25 14.33 8.16
C CYS A 608 19.89 15.65 8.87
N LYS A 609 19.98 16.82 8.22
CA LYS A 609 19.65 18.13 8.86
C LYS A 609 18.62 18.94 8.11
N VAL A 610 18.06 19.98 8.74
CA VAL A 610 17.08 20.87 8.11
C VAL A 610 17.68 22.26 7.85
N LYS A 611 17.33 22.89 6.71
CA LYS A 611 17.73 24.25 6.36
C LYS A 611 16.51 25.04 5.92
N GLU A 612 16.34 26.27 6.38
CA GLU A 612 15.21 27.10 5.92
C GLU A 612 15.73 28.40 5.33
N HIS A 613 14.89 29.08 4.58
CA HIS A 613 15.20 30.41 4.05
C HIS A 613 13.91 31.09 3.62
N GLY A 614 13.60 32.19 4.29
CA GLY A 614 12.41 32.99 4.04
C GLY A 614 12.71 34.34 3.45
N ILE A 615 11.79 34.83 2.62
CA ILE A 615 11.83 36.14 1.97
C ILE A 615 10.42 36.70 2.20
N PRO A 616 10.23 37.98 2.62
CA PRO A 616 8.86 38.45 2.93
C PRO A 616 7.92 38.56 1.72
N ALA A 617 8.33 39.33 0.71
CA ALA A 617 7.54 39.52 -0.52
C ALA A 617 8.46 39.23 -1.71
N PRO A 618 8.69 37.94 -2.01
CA PRO A 618 9.58 37.61 -3.12
C PRO A 618 8.87 37.73 -4.44
N GLN A 619 9.66 37.77 -5.48
CA GLN A 619 9.17 37.75 -6.84
C GLN A 619 9.65 36.41 -7.41
N GLU A 620 8.71 35.65 -8.02
CA GLU A 620 8.95 34.36 -8.67
C GLU A 620 9.34 33.22 -7.71
N GLN A 621 10.50 33.30 -7.01
CA GLN A 621 10.92 32.17 -6.21
C GLN A 621 11.79 32.45 -4.97
N VAL A 622 11.92 31.42 -4.12
CA VAL A 622 12.69 31.35 -2.90
C VAL A 622 13.54 30.08 -3.00
N THR A 623 14.76 30.12 -2.50
CA THR A 623 15.71 29.02 -2.60
C THR A 623 16.52 28.82 -1.31
N VAL A 624 16.88 27.56 -1.02
CA VAL A 624 17.74 27.16 0.09
C VAL A 624 18.51 25.96 -0.47
N ALA A 625 19.86 25.95 -0.36
CA ALA A 625 20.71 24.88 -0.92
C ALA A 625 21.49 24.17 0.14
N CYS A 626 21.76 22.86 -0.05
CA CYS A 626 22.61 22.10 0.86
C CYS A 626 24.04 22.46 0.48
N GLU A 627 24.97 22.25 1.43
CA GLU A 627 26.39 22.58 1.27
C GLU A 627 27.10 21.43 0.57
N GLU A 628 28.41 21.62 0.33
CA GLU A 628 29.26 20.59 -0.28
C GLU A 628 29.29 19.41 0.70
N GLY A 629 29.10 18.20 0.18
CA GLY A 629 29.07 16.98 0.99
C GLY A 629 27.67 16.53 1.34
N TRP A 630 26.77 17.49 1.55
CA TRP A 630 25.37 17.19 1.86
C TRP A 630 24.53 17.00 0.59
N THR A 631 23.58 16.05 0.63
CA THR A 631 22.69 15.73 -0.49
C THR A 631 21.21 16.04 -0.13
N LEU A 632 20.54 16.91 -0.92
CA LEU A 632 19.13 17.26 -0.73
C LEU A 632 18.23 16.03 -0.87
N THR A 633 17.42 15.78 0.16
CA THR A 633 16.51 14.66 0.19
C THR A 633 15.02 15.10 0.20
N GLY A 634 14.69 16.23 0.82
CA GLY A 634 13.34 16.76 0.86
C GLY A 634 13.29 18.25 0.57
N CYS A 635 12.16 18.74 0.04
CA CYS A 635 11.96 20.14 -0.28
C CYS A 635 10.48 20.51 -0.09
N SER A 636 10.20 21.50 0.78
CA SER A 636 8.83 21.89 1.11
C SER A 636 8.69 23.38 1.13
N ALA A 637 7.48 23.84 0.88
CA ALA A 637 7.14 25.26 0.85
C ALA A 637 6.38 25.63 2.08
N LEU A 638 6.28 26.92 2.31
CA LEU A 638 5.60 27.47 3.47
C LEU A 638 5.27 28.94 3.11
N PRO A 639 4.02 29.42 3.17
CA PRO A 639 2.78 28.76 3.59
C PRO A 639 2.21 27.93 2.42
N GLY A 640 0.89 27.76 2.33
CA GLY A 640 0.27 26.96 1.28
C GLY A 640 -0.12 27.70 0.01
N THR A 641 -1.15 27.16 -0.66
CA THR A 641 -1.74 27.65 -1.92
C THR A 641 -1.82 29.21 -2.05
N SER A 642 -2.23 29.89 -0.97
CA SER A 642 -2.34 31.35 -0.88
C SER A 642 -1.16 32.12 -1.53
N HIS A 643 0.11 31.78 -1.19
CA HIS A 643 1.30 32.45 -1.75
C HIS A 643 2.23 31.55 -2.55
N VAL A 644 1.87 30.28 -2.83
CA VAL A 644 2.79 29.33 -3.44
C VAL A 644 2.19 28.52 -4.58
N LEU A 645 3.00 28.30 -5.63
CA LEU A 645 2.62 27.45 -6.76
C LEU A 645 3.06 25.98 -6.55
N GLY A 646 4.15 25.81 -5.82
CA GLY A 646 4.68 24.50 -5.45
C GLY A 646 6.14 24.61 -5.07
N ALA A 647 6.82 23.47 -5.03
CA ALA A 647 8.22 23.39 -4.66
C ALA A 647 8.84 22.18 -5.29
N TYR A 648 10.14 22.21 -5.53
CA TYR A 648 10.79 21.05 -6.12
C TYR A 648 12.29 21.10 -5.96
N ALA A 649 12.92 19.91 -6.00
CA ALA A 649 14.39 19.81 -5.93
C ALA A 649 14.97 20.14 -7.30
N VAL A 650 16.12 20.84 -7.27
CA VAL A 650 16.90 21.22 -8.47
C VAL A 650 18.34 20.94 -8.05
N ASP A 651 18.76 19.69 -8.30
CA ASP A 651 20.03 19.16 -7.85
C ASP A 651 20.00 19.26 -6.32
N ASN A 652 20.84 20.11 -5.66
CA ASN A 652 20.88 20.21 -4.20
C ASN A 652 20.29 21.52 -3.73
N THR A 653 19.39 22.10 -4.54
CA THR A 653 18.67 23.31 -4.21
C THR A 653 17.21 22.96 -4.16
N CYS A 654 16.59 23.34 -3.05
CA CYS A 654 15.15 23.26 -2.86
C CYS A 654 14.61 24.59 -3.42
N VAL A 655 13.67 24.54 -4.32
CA VAL A 655 13.10 25.73 -4.95
C VAL A 655 11.64 25.77 -4.63
N VAL A 656 11.16 26.90 -4.13
CA VAL A 656 9.74 27.14 -3.86
C VAL A 656 9.33 28.20 -4.86
N ARG A 657 8.24 27.97 -5.59
CA ARG A 657 7.76 28.93 -6.57
C ARG A 657 6.62 29.74 -5.96
N SER A 658 6.84 31.06 -5.85
CA SER A 658 5.92 32.01 -5.24
C SER A 658 5.00 32.64 -6.29
N ARG A 659 4.12 33.55 -5.86
CA ARG A 659 3.20 34.30 -6.72
C ARG A 659 3.67 35.80 -6.71
N GLU A 660 2.86 36.72 -7.34
CA GLU A 660 3.12 38.17 -7.34
C GLU A 660 2.18 38.84 -6.31
N ALA A 671 5.53 35.92 3.46
CA ALA A 671 6.67 35.20 4.05
C ALA A 671 6.84 33.79 3.43
N VAL A 672 7.26 33.73 2.17
CA VAL A 672 7.50 32.47 1.48
C VAL A 672 8.82 31.88 2.01
N THR A 673 8.80 30.63 2.54
CA THR A 673 10.00 29.97 3.08
C THR A 673 10.24 28.64 2.37
N ALA A 674 11.50 28.32 2.09
CA ALA A 674 11.88 27.04 1.48
C ALA A 674 12.47 26.19 2.57
N VAL A 675 11.84 25.07 2.88
CA VAL A 675 12.34 24.15 3.91
C VAL A 675 12.99 23.00 3.19
N ALA A 676 14.24 22.69 3.51
CA ALA A 676 14.97 21.60 2.90
C ALA A 676 15.52 20.62 3.93
N ILE A 677 15.56 19.34 3.59
CA ILE A 677 16.20 18.36 4.43
C ILE A 677 17.44 17.94 3.63
N CYS A 678 18.62 18.05 4.25
CA CYS A 678 19.90 17.70 3.66
C CYS A 678 20.33 16.48 4.34
N CYS A 679 20.92 15.58 3.61
CA CYS A 679 21.23 14.30 4.16
C CYS A 679 22.61 13.81 3.71
N ARG A 680 23.24 12.93 4.50
CA ARG A 680 24.57 12.44 4.16
C ARG A 680 24.91 11.12 4.83
N SER A 681 25.82 10.33 4.23
CA SER A 681 26.25 9.06 4.80
C SER A 681 27.71 9.05 5.24
N ARG A 682 27.99 8.19 6.23
CA ARG A 682 29.25 8.02 6.94
C ARG A 682 29.74 9.33 7.56
N TRP B 2 36.68 20.67 -27.90
CA TRP B 2 36.06 21.32 -26.74
C TRP B 2 35.29 20.32 -25.92
N ASN B 3 34.59 19.42 -26.63
CA ASN B 3 33.75 18.37 -26.06
C ASN B 3 34.52 17.45 -25.11
N LEU B 4 35.76 17.07 -25.46
CA LEU B 4 36.56 16.21 -24.59
C LEU B 4 37.02 16.99 -23.35
N LYS B 5 37.21 18.33 -23.48
CA LYS B 5 37.60 19.15 -22.34
C LYS B 5 36.37 19.38 -21.45
N ILE B 7 33.76 17.34 -20.87
CA ILE B 7 33.48 16.18 -20.04
C ILE B 7 34.62 15.89 -19.06
N GLY B 8 35.66 16.72 -19.06
CA GLY B 8 36.79 16.58 -18.17
C GLY B 8 37.74 15.49 -18.57
N LEU B 9 37.98 15.29 -19.87
CA LEU B 9 38.92 14.27 -20.33
C LEU B 9 40.30 14.89 -20.62
N LEU B 10 40.33 16.06 -21.28
CA LEU B 10 41.58 16.76 -21.63
C LEU B 10 41.65 18.05 -20.84
N ARG B 11 42.89 18.54 -20.56
CA ARG B 11 43.15 19.82 -19.87
C ARG B 11 43.46 20.91 -20.90
N GLN C 1 -16.84 10.54 35.59
CA GLN C 1 -17.91 11.13 34.82
C GLN C 1 -17.57 11.35 33.33
N VAL C 2 -16.28 11.22 32.90
CA VAL C 2 -15.92 11.33 31.46
C VAL C 2 -16.45 10.04 30.83
N GLN C 3 -17.42 10.13 29.90
CA GLN C 3 -17.95 8.91 29.31
C GLN C 3 -18.54 9.05 27.94
N LEU C 4 -18.60 7.92 27.19
CA LEU C 4 -19.16 7.83 25.83
C LEU C 4 -20.35 6.83 25.79
N LYS C 5 -21.60 7.33 25.61
CA LYS C 5 -22.83 6.51 25.58
C LYS C 5 -23.19 6.24 24.15
N GLN C 6 -23.17 4.99 23.70
CA GLN C 6 -23.51 4.63 22.33
C GLN C 6 -24.94 4.14 22.20
N SER C 7 -25.53 4.39 21.00
CA SER C 7 -26.89 3.99 20.70
C SER C 7 -27.06 2.44 20.74
N GLY C 8 -28.32 2.01 20.82
CA GLY C 8 -28.66 0.59 20.90
C GLY C 8 -28.36 -0.18 19.65
N ALA C 9 -28.45 -1.54 19.73
CA ALA C 9 -28.21 -2.48 18.62
C ALA C 9 -29.12 -2.17 17.42
N GLU C 10 -28.71 -2.65 16.21
CA GLU C 10 -29.46 -2.40 14.97
C GLU C 10 -29.56 -3.61 14.06
N LEU C 11 -30.72 -3.73 13.39
CA LEU C 11 -30.99 -4.72 12.36
C LEU C 11 -31.39 -3.88 11.13
N VAL C 12 -30.70 -4.09 10.01
CA VAL C 12 -30.98 -3.37 8.77
C VAL C 12 -30.88 -4.30 7.58
N ARG C 13 -31.65 -3.99 6.50
CA ARG C 13 -31.70 -4.85 5.32
C ARG C 13 -30.48 -4.62 4.44
N PRO C 14 -29.93 -5.66 3.76
CA PRO C 14 -28.79 -5.41 2.85
C PRO C 14 -29.10 -4.27 1.87
N GLY C 15 -28.13 -3.40 1.67
CA GLY C 15 -28.28 -2.23 0.82
C GLY C 15 -28.83 -1.03 1.55
N ALA C 16 -29.35 -1.18 2.79
CA ALA C 16 -29.87 -0.05 3.57
C ALA C 16 -28.70 0.62 4.33
N SER C 17 -29.02 1.65 5.13
CA SER C 17 -28.02 2.42 5.90
C SER C 17 -28.42 2.49 7.38
N VAL C 18 -27.41 2.68 8.26
CA VAL C 18 -27.59 2.88 9.72
C VAL C 18 -26.92 4.16 10.08
N LYS C 19 -27.39 4.81 11.13
CA LYS C 19 -26.73 6.00 11.64
C LYS C 19 -26.52 5.72 13.11
N LEU C 20 -25.28 5.35 13.45
CA LEU C 20 -24.87 5.05 14.83
C LEU C 20 -24.51 6.37 15.52
N SER C 21 -24.84 6.53 16.81
CA SER C 21 -24.50 7.74 17.57
C SER C 21 -23.62 7.37 18.79
N CYS C 22 -22.85 8.32 19.29
CA CYS C 22 -21.91 8.12 20.40
C CYS C 22 -21.96 9.41 21.18
N LYS C 23 -22.68 9.44 22.29
CA LYS C 23 -22.91 10.63 23.08
C LYS C 23 -21.85 10.86 24.11
N ALA C 24 -21.25 12.07 24.09
CA ALA C 24 -20.17 12.40 25.03
C ALA C 24 -20.61 13.27 26.19
N SER C 25 -20.04 13.00 27.37
CA SER C 25 -20.28 13.79 28.56
C SER C 25 -19.07 13.78 29.50
N GLY C 26 -19.04 14.73 30.42
CA GLY C 26 -17.99 14.83 31.44
C GLY C 26 -16.73 15.54 31.04
N TYR C 27 -16.69 16.13 29.83
CA TYR C 27 -15.51 16.81 29.30
C TYR C 27 -15.92 17.80 28.17
N ILE C 28 -14.98 18.67 27.71
CA ILE C 28 -15.27 19.62 26.64
C ILE C 28 -15.33 18.87 25.27
N PHE C 29 -16.55 18.64 24.77
CA PHE C 29 -16.86 17.91 23.52
C PHE C 29 -16.00 18.27 22.30
N THR C 30 -15.99 19.56 21.95
CA THR C 30 -15.27 20.13 20.80
C THR C 30 -13.73 19.98 20.85
N ASP C 31 -13.15 19.73 22.06
CA ASP C 31 -11.71 19.68 22.28
C ASP C 31 -10.99 18.34 22.07
N TYR C 32 -11.73 17.23 21.83
CA TYR C 32 -11.13 15.89 21.68
C TYR C 32 -11.59 15.19 20.42
N TYR C 33 -10.67 14.37 19.84
CA TYR C 33 -11.02 13.58 18.66
C TYR C 33 -11.81 12.37 19.10
N ILE C 34 -12.77 11.92 18.27
CA ILE C 34 -13.60 10.76 18.51
C ILE C 34 -13.39 9.84 17.28
N ASN C 35 -12.98 8.58 17.56
CA ASN C 35 -12.73 7.61 16.51
C ASN C 35 -13.85 6.62 16.50
N TRP C 36 -13.99 5.91 15.38
CA TRP C 36 -14.97 4.84 15.20
C TRP C 36 -14.19 3.62 14.75
N LEU C 37 -14.51 2.44 15.34
CA LEU C 37 -13.79 1.19 15.08
C LEU C 37 -14.75 0.02 14.90
N LYS C 38 -14.40 -0.90 14.01
CA LYS C 38 -15.21 -2.07 13.69
C LYS C 38 -14.58 -3.30 14.35
N LYS C 39 -15.38 -4.07 15.11
CA LYS C 39 -14.92 -5.34 15.68
C LYS C 39 -15.71 -6.50 15.08
N ARG C 40 -15.10 -7.31 14.20
CA ARG C 40 -15.81 -8.51 13.69
C ARG C 40 -15.49 -9.67 14.65
N PRO C 41 -16.34 -10.74 14.71
CA PRO C 41 -16.13 -11.82 15.70
C PRO C 41 -14.73 -12.43 15.74
N GLY C 42 -14.28 -12.98 14.63
CA GLY C 42 -12.95 -13.58 14.62
C GLY C 42 -11.81 -12.59 14.64
N GLN C 43 -11.96 -11.47 13.93
CA GLN C 43 -10.90 -10.49 13.70
C GLN C 43 -10.58 -9.52 14.85
N GLY C 44 -9.46 -8.82 14.71
CA GLY C 44 -9.05 -7.76 15.61
C GLY C 44 -9.68 -6.45 15.14
N LEU C 45 -9.77 -5.43 16.05
CA LEU C 45 -10.36 -4.13 15.68
C LEU C 45 -9.79 -3.52 14.36
N GLU C 46 -10.64 -2.80 13.62
CA GLU C 46 -10.29 -2.10 12.39
C GLU C 46 -10.61 -0.65 12.63
N TRP C 47 -9.64 0.23 12.42
CA TRP C 47 -9.91 1.63 12.64
C TRP C 47 -10.74 2.17 11.44
N ILE C 48 -11.88 2.81 11.71
CA ILE C 48 -12.70 3.33 10.60
C ILE C 48 -12.30 4.78 10.27
N ALA C 49 -12.51 5.71 11.21
CA ALA C 49 -12.28 7.12 10.95
C ALA C 49 -12.22 7.95 12.18
N ARG C 50 -11.70 9.18 12.08
CA ARG C 50 -11.70 10.14 13.19
C ARG C 50 -12.37 11.43 12.80
N ILE C 51 -12.79 12.20 13.81
CA ILE C 51 -13.49 13.48 13.61
C ILE C 51 -13.19 14.43 14.73
N TYR C 52 -12.78 15.66 14.42
CA TYR C 52 -12.56 16.68 15.44
C TYR C 52 -13.92 17.40 15.55
N PRO C 53 -14.65 17.29 16.68
CA PRO C 53 -15.98 17.89 16.75
C PRO C 53 -15.99 19.41 16.76
N GLY C 54 -14.89 20.05 17.17
CA GLY C 54 -14.76 21.50 17.16
C GLY C 54 -14.94 22.13 15.80
N SER C 55 -14.44 21.44 14.74
CA SER C 55 -14.48 21.85 13.34
C SER C 55 -15.31 20.92 12.43
N GLY C 56 -15.57 19.69 12.87
CA GLY C 56 -16.31 18.71 12.09
C GLY C 56 -15.52 18.08 10.95
N HIS C 57 -14.18 18.34 10.89
CA HIS C 57 -13.33 17.78 9.83
C HIS C 57 -13.05 16.30 10.13
N THR C 58 -13.13 15.48 9.10
CA THR C 58 -12.93 14.05 9.25
C THR C 58 -11.66 13.53 8.55
N TYR C 59 -11.21 12.34 8.97
CA TYR C 59 -10.06 11.64 8.39
C TYR C 59 -10.44 10.16 8.45
N TYR C 60 -10.54 9.49 7.28
CA TYR C 60 -10.96 8.11 7.22
C TYR C 60 -9.85 7.18 6.81
N ASN C 61 -10.05 5.91 7.16
CA ASN C 61 -9.27 4.79 6.67
C ASN C 61 -9.76 4.68 5.21
N GLU C 62 -8.83 4.65 4.21
CA GLU C 62 -9.23 4.62 2.79
C GLU C 62 -10.25 3.50 2.50
N ASN C 63 -10.17 2.36 3.22
CA ASN C 63 -11.05 1.22 3.02
C ASN C 63 -12.52 1.49 3.41
N PHE C 64 -12.79 2.51 4.24
CA PHE C 64 -14.15 2.86 4.70
C PHE C 64 -14.60 4.22 4.16
N LYS C 65 -13.81 4.85 3.27
CA LYS C 65 -14.06 6.20 2.73
C LYS C 65 -15.46 6.33 2.11
N ASP C 66 -15.89 5.29 1.36
CA ASP C 66 -17.21 5.25 0.73
C ASP C 66 -18.31 4.81 1.71
N LYS C 67 -18.10 3.69 2.45
CA LYS C 67 -19.07 3.18 3.45
C LYS C 67 -19.42 4.19 4.52
N ALA C 68 -18.39 4.71 5.22
CA ALA C 68 -18.55 5.57 6.40
C ALA C 68 -18.65 7.06 6.13
N THR C 69 -19.34 7.79 7.04
CA THR C 69 -19.53 9.25 6.98
C THR C 69 -19.70 9.80 8.41
N LEU C 70 -18.64 10.44 8.93
CA LEU C 70 -18.68 10.96 10.29
C LEU C 70 -19.30 12.34 10.34
N THR C 71 -19.91 12.68 11.48
CA THR C 71 -20.56 13.99 11.71
C THR C 71 -20.68 14.23 13.19
N ALA C 72 -20.71 15.48 13.59
CA ALA C 72 -20.83 15.88 14.98
C ALA C 72 -21.92 16.95 15.11
N GLU C 73 -22.54 17.03 16.30
CA GLU C 73 -23.62 17.96 16.62
C GLU C 73 -23.33 18.50 18.01
N LYS C 74 -22.64 19.67 18.06
CA LYS C 74 -22.21 20.34 19.30
C LYS C 74 -23.35 20.56 20.31
N SER C 75 -24.56 20.90 19.83
CA SER C 75 -25.71 21.10 20.71
C SER C 75 -25.99 19.82 21.52
N SER C 76 -26.24 18.72 20.78
CA SER C 76 -26.51 17.36 21.27
C SER C 76 -25.31 16.79 22.04
N SER C 77 -24.08 17.21 21.66
CA SER C 77 -22.80 16.78 22.24
C SER C 77 -22.55 15.32 21.85
N ASN C 78 -22.81 14.99 20.58
CA ASN C 78 -22.57 13.63 20.14
C ASN C 78 -22.13 13.56 18.69
N VAL C 79 -21.42 12.47 18.38
CA VAL C 79 -20.81 12.17 17.10
C VAL C 79 -21.61 11.05 16.46
N TYR C 80 -21.78 11.10 15.15
CA TYR C 80 -22.51 10.13 14.38
C TYR C 80 -21.62 9.52 13.33
N MET C 81 -21.92 8.26 12.96
CA MET C 81 -21.30 7.54 11.87
C MET C 81 -22.41 6.82 11.11
N GLN C 82 -22.58 7.19 9.82
CA GLN C 82 -23.56 6.63 8.94
C GLN C 82 -22.87 5.68 7.99
N LEU C 83 -23.25 4.39 8.00
CA LEU C 83 -22.67 3.38 7.09
C LEU C 83 -23.71 3.18 5.98
N SER C 84 -23.31 3.14 4.69
CA SER C 84 -24.29 3.01 3.57
C SER C 84 -24.07 1.75 2.70
N SER C 85 -25.13 1.29 1.99
CA SER C 85 -25.07 0.12 1.11
C SER C 85 -24.50 -1.10 1.84
N LEU C 86 -25.04 -1.35 3.04
CA LEU C 86 -24.57 -2.40 3.93
C LEU C 86 -24.71 -3.79 3.35
N THR C 87 -23.75 -4.66 3.65
CA THR C 87 -23.72 -6.06 3.22
C THR C 87 -23.50 -6.91 4.49
N SER C 88 -23.36 -8.24 4.35
CA SER C 88 -23.17 -9.08 5.54
C SER C 88 -21.75 -8.95 6.14
N GLU C 89 -20.78 -8.42 5.37
CA GLU C 89 -19.44 -8.16 5.89
C GLU C 89 -19.42 -6.99 6.87
N ASP C 90 -20.47 -6.14 6.86
CA ASP C 90 -20.60 -4.99 7.76
C ASP C 90 -21.32 -5.36 9.04
N SER C 91 -21.78 -6.63 9.18
CA SER C 91 -22.39 -7.06 10.44
C SER C 91 -21.21 -7.19 11.39
N ALA C 92 -21.14 -6.28 12.41
CA ALA C 92 -20.05 -6.27 13.38
C ALA C 92 -20.46 -5.47 14.60
N VAL C 93 -19.54 -5.27 15.56
CA VAL C 93 -19.77 -4.41 16.72
C VAL C 93 -18.95 -3.15 16.51
N TYR C 94 -19.59 -1.99 16.64
CA TYR C 94 -18.93 -0.72 16.41
C TYR C 94 -18.67 0.01 17.68
N PHE C 95 -17.42 0.47 17.88
CA PHE C 95 -16.99 1.19 19.08
C PHE C 95 -16.56 2.61 18.73
N CYS C 96 -16.93 3.59 19.57
CA CYS C 96 -16.41 4.95 19.40
C CYS C 96 -15.42 5.11 20.55
N ALA C 97 -14.40 5.95 20.40
CA ALA C 97 -13.37 6.12 21.43
C ALA C 97 -12.73 7.47 21.30
N ARG C 98 -12.26 8.01 22.43
CA ARG C 98 -11.68 9.34 22.49
C ARG C 98 -10.16 9.31 22.50
N GLU C 99 -9.53 10.20 21.74
CA GLU C 99 -8.07 10.27 21.80
C GLU C 99 -7.75 11.34 22.81
N ASN C 100 -6.83 11.03 23.70
CA ASN C 100 -6.37 11.99 24.69
C ASN C 100 -4.88 12.22 24.48
N PHE C 101 -4.49 13.44 24.05
CA PHE C 101 -3.08 13.80 23.90
C PHE C 101 -2.49 14.30 25.21
N TYR C 102 -1.20 13.98 25.45
CA TYR C 102 -0.44 14.44 26.60
C TYR C 102 0.84 15.16 26.16
N GLY C 103 0.99 15.41 24.86
CA GLY C 103 2.18 16.07 24.34
C GLY C 103 2.06 16.55 22.92
N SER C 104 3.13 17.24 22.47
CA SER C 104 3.17 17.81 21.12
C SER C 104 3.33 16.74 20.08
N SER C 105 3.98 15.60 20.42
CA SER C 105 4.19 14.55 19.42
C SER C 105 2.90 13.95 18.90
N TYR C 106 2.89 13.60 17.62
CA TYR C 106 1.76 12.95 17.02
C TYR C 106 1.57 11.51 17.63
N VAL C 107 2.58 11.01 18.43
CA VAL C 107 2.50 9.73 19.14
C VAL C 107 2.35 9.92 20.67
N ASP C 108 1.95 11.14 21.16
CA ASP C 108 1.76 11.43 22.59
C ASP C 108 0.28 11.47 22.90
N TRP C 109 -0.38 10.34 22.69
CA TRP C 109 -1.80 10.22 22.99
C TRP C 109 -2.19 8.76 23.25
N TYR C 110 -3.47 8.53 23.66
CA TYR C 110 -4.03 7.20 23.90
C TYR C 110 -5.56 7.18 23.91
N PHE C 111 -6.17 6.00 23.71
CA PHE C 111 -7.62 5.84 23.74
C PHE C 111 -8.00 5.59 25.20
N ASP C 112 -8.27 6.67 25.92
CA ASP C 112 -8.55 6.57 27.34
C ASP C 112 -9.96 6.21 27.63
N VAL C 113 -10.94 6.64 26.84
CA VAL C 113 -12.31 6.26 27.15
C VAL C 113 -12.96 5.79 25.88
N TRP C 114 -13.81 4.75 26.02
CA TRP C 114 -14.55 4.09 24.93
C TRP C 114 -16.02 3.97 25.28
N GLY C 115 -16.81 3.66 24.28
CA GLY C 115 -18.21 3.31 24.46
C GLY C 115 -18.26 1.80 24.62
N THR C 116 -19.42 1.22 24.96
CA THR C 116 -19.54 -0.24 25.16
C THR C 116 -19.79 -1.03 23.87
N GLY C 117 -20.03 -0.32 22.78
CA GLY C 117 -20.24 -0.92 21.47
C GLY C 117 -21.68 -0.93 21.06
N THR C 118 -21.93 -1.06 19.75
CA THR C 118 -23.26 -1.15 19.15
C THR C 118 -23.21 -2.28 18.15
N THR C 119 -24.00 -3.34 18.36
CA THR C 119 -24.02 -4.49 17.44
C THR C 119 -24.89 -4.15 16.27
N VAL C 120 -24.35 -4.31 15.06
CA VAL C 120 -25.10 -4.07 13.82
C VAL C 120 -25.19 -5.42 13.13
N THR C 121 -26.44 -5.82 12.83
CA THR C 121 -26.74 -7.08 12.15
C THR C 121 -27.33 -6.65 10.82
N VAL C 122 -26.75 -7.14 9.70
CA VAL C 122 -27.23 -6.85 8.35
C VAL C 122 -27.89 -8.15 7.90
N SER C 123 -29.23 -8.15 7.81
CA SER C 123 -29.97 -9.34 7.43
C SER C 123 -31.35 -9.03 6.87
N SER C 124 -31.82 -9.94 5.97
CA SER C 124 -33.16 -9.86 5.34
C SER C 124 -34.24 -10.24 6.38
N ALA C 125 -33.91 -11.18 7.32
CA ALA C 125 -34.77 -11.62 8.43
C ALA C 125 -35.41 -10.45 9.21
N LYS C 126 -36.51 -10.69 9.90
CA LYS C 126 -37.20 -9.64 10.64
C LYS C 126 -36.95 -9.76 12.16
N THR C 127 -37.08 -8.62 12.87
CA THR C 127 -36.94 -8.52 14.33
C THR C 127 -38.04 -9.33 14.99
N THR C 128 -37.67 -10.37 15.77
CA THR C 128 -38.64 -11.20 16.50
C THR C 128 -38.30 -11.17 18.00
N PRO C 129 -39.28 -10.91 18.90
CA PRO C 129 -38.98 -10.93 20.35
C PRO C 129 -38.79 -12.37 20.88
N PRO C 130 -38.18 -12.51 22.06
CA PRO C 130 -38.03 -13.86 22.63
C PRO C 130 -39.28 -14.37 23.38
N SER C 131 -39.30 -15.68 23.55
CA SER C 131 -40.33 -16.36 24.32
C SER C 131 -39.54 -16.75 25.58
N VAL C 132 -39.98 -16.27 26.77
CA VAL C 132 -39.29 -16.52 28.04
C VAL C 132 -39.94 -17.74 28.71
N TYR C 133 -39.12 -18.77 28.98
CA TYR C 133 -39.59 -20.05 29.52
C TYR C 133 -38.97 -20.35 30.88
N PRO C 134 -39.78 -20.46 31.95
CA PRO C 134 -39.22 -20.72 33.29
C PRO C 134 -38.67 -22.13 33.43
N LEU C 135 -37.53 -22.29 34.10
CA LEU C 135 -36.94 -23.60 34.35
C LEU C 135 -36.89 -23.80 35.86
N ALA C 136 -37.94 -24.39 36.40
CA ALA C 136 -38.02 -24.70 37.83
C ALA C 136 -37.99 -26.21 38.03
N PRO C 137 -37.33 -26.70 39.09
CA PRO C 137 -37.30 -28.16 39.32
C PRO C 137 -38.60 -28.68 39.94
N GLY C 138 -38.90 -29.93 39.64
CA GLY C 138 -40.06 -30.62 40.19
C GLY C 138 -39.64 -31.51 41.33
N CYS C 139 -40.52 -32.44 41.67
CA CYS C 139 -40.38 -33.48 42.69
C CYS C 139 -39.00 -33.90 43.05
N GLY C 140 -38.78 -34.10 44.35
CA GLY C 140 -37.52 -34.64 44.81
C GLY C 140 -37.18 -34.39 46.25
N ASP C 141 -36.15 -35.12 46.71
CA ASP C 141 -35.56 -34.97 48.02
C ASP C 141 -34.40 -34.01 47.79
N THR C 142 -34.38 -32.91 48.56
CA THR C 142 -33.34 -31.90 48.42
C THR C 142 -32.05 -32.43 48.98
N THR C 143 -30.96 -32.06 48.33
CA THR C 143 -29.60 -32.36 48.77
C THR C 143 -28.87 -31.02 48.71
N GLY C 144 -28.03 -30.75 49.69
CA GLY C 144 -27.29 -29.50 49.75
C GLY C 144 -28.08 -28.28 50.14
N SER C 145 -27.36 -27.19 50.40
CA SER C 145 -27.94 -25.93 50.86
C SER C 145 -28.74 -25.17 49.82
N SER C 146 -28.43 -25.37 48.54
CA SER C 146 -29.04 -24.59 47.46
C SER C 146 -29.84 -25.40 46.41
N VAL C 147 -30.68 -24.64 45.68
CA VAL C 147 -31.50 -25.09 44.57
C VAL C 147 -31.11 -24.22 43.39
N THR C 148 -31.12 -24.79 42.17
CA THR C 148 -30.83 -24.07 40.93
C THR C 148 -32.11 -23.91 40.11
N LEU C 149 -32.34 -22.72 39.59
CA LEU C 149 -33.50 -22.41 38.75
C LEU C 149 -33.00 -21.84 37.42
N GLY C 150 -33.89 -21.52 36.50
CA GLY C 150 -33.46 -20.97 35.23
C GLY C 150 -34.52 -20.32 34.36
N CYS C 151 -34.04 -19.74 33.27
CA CYS C 151 -34.83 -19.06 32.26
C CYS C 151 -34.31 -19.51 30.97
N LEU C 152 -35.20 -19.85 30.04
CA LEU C 152 -34.87 -20.25 28.68
C LEU C 152 -35.48 -19.18 27.78
N VAL C 153 -34.61 -18.39 27.15
CA VAL C 153 -34.98 -17.30 26.24
C VAL C 153 -34.83 -17.89 24.84
N LYS C 154 -35.94 -18.07 24.12
CA LYS C 154 -35.90 -18.75 22.81
C LYS C 154 -36.57 -17.97 21.67
N GLY C 155 -36.09 -18.24 20.46
CA GLY C 155 -36.61 -17.68 19.22
C GLY C 155 -36.67 -16.16 19.12
N TYR C 156 -35.50 -15.53 19.15
CA TYR C 156 -35.42 -14.07 19.06
C TYR C 156 -34.39 -13.69 18.03
N PHE C 157 -34.51 -12.49 17.51
CA PHE C 157 -33.58 -11.98 16.51
C PHE C 157 -33.68 -10.46 16.48
N PRO C 158 -32.56 -9.67 16.48
CA PRO C 158 -31.13 -10.05 16.46
C PRO C 158 -30.52 -10.43 17.83
N GLU C 159 -29.19 -10.69 17.89
CA GLU C 159 -28.43 -11.14 19.09
C GLU C 159 -28.64 -10.34 20.44
N SER C 160 -29.00 -9.08 20.42
CA SER C 160 -29.13 -8.30 21.69
C SER C 160 -30.13 -8.83 22.79
N VAL C 161 -29.70 -9.62 23.82
CA VAL C 161 -30.62 -10.03 24.93
C VAL C 161 -29.94 -9.90 26.31
N THR C 162 -30.70 -9.44 27.35
CA THR C 162 -30.19 -9.25 28.72
C THR C 162 -31.09 -9.93 29.73
N VAL C 163 -30.54 -10.85 30.53
CA VAL C 163 -31.32 -11.57 31.54
C VAL C 163 -30.83 -11.20 32.93
N THR C 164 -31.75 -10.76 33.81
CA THR C 164 -31.40 -10.34 35.17
C THR C 164 -32.37 -10.97 36.15
N TRP C 165 -31.85 -11.52 37.23
CA TRP C 165 -32.62 -12.22 38.24
C TRP C 165 -33.08 -11.30 39.35
N ASN C 166 -34.38 -11.36 39.69
CA ASN C 166 -35.09 -10.44 40.57
C ASN C 166 -34.87 -9.05 39.90
N SER C 167 -33.82 -8.30 40.30
CA SER C 167 -33.40 -7.06 39.65
C SER C 167 -31.97 -6.75 40.13
N GLY C 168 -31.05 -7.63 39.75
CA GLY C 168 -29.64 -7.55 40.12
C GLY C 168 -29.31 -8.23 41.45
N SER C 169 -30.16 -9.19 41.89
CA SER C 169 -29.99 -9.95 43.13
C SER C 169 -29.87 -11.46 42.80
N SER C 172 -26.17 -12.99 42.55
CA SER C 172 -25.46 -14.27 42.53
C SER C 172 -26.24 -15.44 43.24
N SER C 173 -25.90 -16.73 42.94
CA SER C 173 -24.87 -17.18 41.97
C SER C 173 -25.57 -17.36 40.60
N VAL C 174 -25.24 -16.49 39.60
CA VAL C 174 -25.87 -16.47 38.26
C VAL C 174 -24.92 -16.81 37.10
N HIS C 175 -25.41 -17.64 36.14
CA HIS C 175 -24.67 -18.01 34.92
C HIS C 175 -25.53 -17.64 33.74
N THR C 176 -24.92 -17.07 32.72
CA THR C 176 -25.59 -16.67 31.48
C THR C 176 -24.88 -17.40 30.36
N PHE C 177 -25.61 -18.20 29.59
CA PHE C 177 -25.01 -18.99 28.56
C PHE C 177 -25.05 -18.29 27.20
N PRO C 178 -23.92 -18.27 26.44
CA PRO C 178 -23.94 -17.63 25.12
C PRO C 178 -25.05 -18.13 24.21
N ALA C 179 -25.62 -17.22 23.36
CA ALA C 179 -26.70 -17.60 22.44
C ALA C 179 -26.20 -18.46 21.32
N LEU C 180 -27.05 -19.38 20.84
CA LEU C 180 -26.77 -20.26 19.70
C LEU C 180 -27.90 -20.08 18.68
N LEU C 181 -27.56 -20.21 17.37
CA LEU C 181 -28.56 -20.08 16.31
C LEU C 181 -29.28 -21.41 16.15
N GLN C 182 -30.62 -21.38 16.23
CA GLN C 182 -31.48 -22.54 16.10
C GLN C 182 -32.50 -22.25 15.01
N SER C 183 -32.13 -22.56 13.75
CA SER C 183 -32.97 -22.37 12.57
C SER C 183 -33.29 -20.87 12.32
N GLY C 184 -32.24 -20.07 12.29
CA GLY C 184 -32.34 -18.63 12.03
C GLY C 184 -32.58 -17.73 13.23
N LEU C 185 -33.06 -18.28 14.37
CA LEU C 185 -33.32 -17.48 15.57
C LEU C 185 -32.37 -17.84 16.70
N TYR C 186 -32.14 -16.89 17.59
CA TYR C 186 -31.24 -17.10 18.70
C TYR C 186 -31.96 -17.77 19.87
N THR C 187 -31.17 -18.60 20.62
CA THR C 187 -31.61 -19.31 21.82
C THR C 187 -30.53 -19.21 22.87
N MET C 188 -30.92 -18.87 24.08
CA MET C 188 -29.98 -18.66 25.16
C MET C 188 -30.69 -19.00 26.48
N SER C 189 -29.92 -19.39 27.51
CA SER C 189 -30.49 -19.70 28.82
C SER C 189 -29.69 -19.04 29.93
N SER C 190 -30.36 -18.80 31.07
CA SER C 190 -29.75 -18.25 32.27
C SER C 190 -30.01 -19.20 33.43
N SER C 191 -29.05 -19.35 34.33
CA SER C 191 -29.09 -20.21 35.52
C SER C 191 -28.92 -19.29 36.74
N VAL C 192 -29.70 -19.52 37.79
CA VAL C 192 -29.53 -18.82 39.07
C VAL C 192 -29.57 -19.88 40.16
N THR C 193 -28.81 -19.70 41.24
CA THR C 193 -28.75 -20.62 42.36
C THR C 193 -29.05 -19.84 43.62
N VAL C 194 -30.07 -20.28 44.37
CA VAL C 194 -30.50 -19.62 45.60
C VAL C 194 -30.51 -20.66 46.72
N PRO C 195 -30.49 -20.28 48.01
CA PRO C 195 -30.50 -21.32 49.06
C PRO C 195 -31.89 -21.94 49.19
N SER C 196 -31.97 -23.22 49.58
CA SER C 196 -33.25 -23.94 49.77
C SER C 196 -34.20 -23.14 50.65
N SER C 197 -33.65 -22.46 51.70
CA SER C 197 -34.37 -21.60 52.65
C SER C 197 -35.31 -20.59 51.94
N THR C 198 -34.82 -19.96 50.86
CA THR C 198 -35.60 -19.00 50.07
C THR C 198 -36.66 -19.72 49.18
N TRP C 199 -36.35 -20.03 47.90
CA TRP C 199 -37.28 -20.69 46.96
C TRP C 199 -37.61 -22.15 47.39
N PRO C 200 -38.87 -22.62 47.31
CA PRO C 200 -40.09 -21.97 46.79
C PRO C 200 -40.88 -21.07 47.74
N SER C 201 -40.41 -20.84 48.98
CA SER C 201 -41.14 -19.94 49.91
C SER C 201 -41.11 -18.53 49.32
N GLN C 202 -39.90 -18.01 49.06
CA GLN C 202 -39.67 -16.74 48.38
C GLN C 202 -40.00 -16.94 46.90
N THR C 203 -40.13 -15.83 46.16
CA THR C 203 -40.41 -15.87 44.71
C THR C 203 -39.18 -15.37 43.96
N VAL C 204 -38.70 -16.16 42.98
CA VAL C 204 -37.57 -15.79 42.12
C VAL C 204 -38.17 -15.42 40.75
N THR C 205 -37.76 -14.26 40.19
CA THR C 205 -38.28 -13.78 38.90
C THR C 205 -37.15 -13.43 37.99
N CYS C 206 -37.15 -13.92 36.76
CA CYS C 206 -36.12 -13.56 35.80
C CYS C 206 -36.72 -12.57 34.81
N SER C 207 -36.02 -11.43 34.63
CA SER C 207 -36.42 -10.31 33.80
C SER C 207 -35.57 -10.29 32.54
N VAL C 208 -36.19 -10.58 31.37
CA VAL C 208 -35.49 -10.60 30.09
C VAL C 208 -35.83 -9.34 29.33
N ALA C 209 -34.81 -8.74 28.70
CA ALA C 209 -34.91 -7.51 27.93
C ALA C 209 -34.13 -7.69 26.61
N HIS C 210 -34.86 -7.60 25.48
CA HIS C 210 -34.35 -7.70 24.10
C HIS C 210 -34.57 -6.27 23.55
N PRO C 211 -33.54 -5.39 23.60
CA PRO C 211 -33.75 -3.99 23.20
C PRO C 211 -34.04 -3.81 21.72
N ALA C 212 -33.47 -4.67 20.85
CA ALA C 212 -33.71 -4.58 19.40
C ALA C 212 -35.21 -4.55 19.02
N SER C 213 -36.08 -5.20 19.80
CA SER C 213 -37.54 -5.19 19.55
C SER C 213 -38.27 -4.40 20.63
N SER C 214 -37.54 -3.63 21.46
CA SER C 214 -38.09 -2.82 22.54
C SER C 214 -39.12 -3.62 23.37
N THR C 215 -38.66 -4.75 23.94
CA THR C 215 -39.51 -5.62 24.74
C THR C 215 -38.83 -6.00 26.06
N THR C 216 -39.65 -6.15 27.13
CA THR C 216 -39.22 -6.56 28.47
C THR C 216 -40.23 -7.54 29.04
N VAL C 217 -39.76 -8.72 29.48
CA VAL C 217 -40.60 -9.78 30.06
C VAL C 217 -40.08 -10.18 31.42
N ASP C 218 -40.98 -10.32 32.42
CA ASP C 218 -40.67 -10.77 33.78
C ASP C 218 -41.40 -12.07 34.00
N LYS C 219 -40.68 -13.20 33.92
CA LYS C 219 -41.26 -14.52 34.11
C LYS C 219 -41.06 -14.93 35.57
N LYS C 220 -42.17 -15.13 36.28
CA LYS C 220 -42.15 -15.49 37.69
C LYS C 220 -41.93 -16.99 37.80
N LEU C 221 -40.96 -17.43 38.61
CA LEU C 221 -40.71 -18.87 38.78
C LEU C 221 -41.56 -19.47 39.91
N GLU C 222 -42.62 -20.21 39.50
CA GLU C 222 -43.50 -21.01 40.35
C GLU C 222 -44.46 -21.83 39.47
N ASP D 1 0.20 -0.55 5.16
CA ASP D 1 -0.52 -0.84 6.40
C ASP D 1 0.35 -1.74 7.29
N ILE D 2 0.61 -1.30 8.56
CA ILE D 2 1.42 -2.03 9.52
C ILE D 2 0.63 -3.25 9.97
N VAL D 3 1.28 -4.45 10.01
CA VAL D 3 0.62 -5.70 10.36
C VAL D 3 0.93 -6.13 11.78
N MET D 4 -0.11 -6.25 12.65
CA MET D 4 0.06 -6.69 14.04
C MET D 4 -0.14 -8.18 14.08
N THR D 5 0.85 -8.91 14.62
CA THR D 5 0.83 -10.38 14.67
C THR D 5 0.97 -10.75 16.11
N GLN D 6 -0.16 -11.01 16.77
CA GLN D 6 -0.20 -11.30 18.21
C GLN D 6 -0.09 -12.78 18.51
N SER D 7 0.39 -13.14 19.73
CA SER D 7 0.52 -14.53 20.20
C SER D 7 -0.84 -15.24 20.14
N GLN D 8 -0.83 -16.56 19.91
CA GLN D 8 -2.09 -17.29 19.84
C GLN D 8 -2.61 -17.56 21.26
N LYS D 9 -1.70 -17.87 22.19
CA LYS D 9 -2.04 -18.12 23.60
C LYS D 9 -0.95 -17.56 24.55
N PHE D 10 -1.32 -17.35 25.81
CA PHE D 10 -0.37 -16.84 26.81
C PHE D 10 0.64 -17.91 27.13
N MET D 11 1.94 -17.60 27.07
CA MET D 11 2.95 -18.58 27.40
C MET D 11 3.46 -18.32 28.84
N SER D 12 3.45 -19.38 29.66
CA SER D 12 3.79 -19.33 31.09
C SER D 12 5.28 -19.37 31.35
N THR D 13 5.66 -18.86 32.54
CA THR D 13 7.05 -18.74 33.03
C THR D 13 6.99 -18.63 34.57
N SER D 14 8.08 -18.98 35.29
CA SER D 14 8.16 -18.89 36.77
C SER D 14 7.00 -19.61 37.51
N GLY D 15 6.62 -20.79 37.01
CA GLY D 15 5.57 -21.62 37.60
C GLY D 15 4.18 -21.03 37.60
N GLY D 16 3.86 -20.21 36.59
CA GLY D 16 2.55 -19.59 36.47
C GLY D 16 2.40 -18.20 37.07
N ASP D 17 3.48 -17.65 37.70
CA ASP D 17 3.45 -16.30 38.28
C ASP D 17 3.41 -15.29 37.14
N ARG D 18 4.35 -15.40 36.20
CA ARG D 18 4.37 -14.55 35.01
C ARG D 18 3.76 -15.31 33.80
N VAL D 19 2.86 -14.65 33.06
CA VAL D 19 2.24 -15.18 31.83
C VAL D 19 2.39 -14.04 30.83
N SER D 20 2.72 -14.35 29.56
CA SER D 20 2.97 -13.31 28.58
C SER D 20 2.50 -13.60 27.19
N ILE D 21 2.30 -12.50 26.42
CA ILE D 21 1.97 -12.51 25.00
C ILE D 21 2.88 -11.52 24.30
N THR D 22 3.25 -11.85 23.06
CA THR D 22 4.13 -11.07 22.21
C THR D 22 3.28 -10.49 21.11
N CYS D 23 3.72 -9.37 20.54
CA CYS D 23 3.01 -8.68 19.47
C CYS D 23 4.11 -8.20 18.55
N LYS D 24 4.07 -8.57 17.27
CA LYS D 24 5.11 -8.21 16.30
C LYS D 24 4.53 -7.38 15.18
N THR D 25 5.22 -6.28 14.82
CA THR D 25 4.78 -5.37 13.77
C THR D 25 5.58 -5.63 12.48
N SER D 26 4.97 -5.35 11.31
CA SER D 26 5.66 -5.54 10.02
C SER D 26 6.75 -4.50 9.80
N GLN D 27 6.66 -3.32 10.44
CA GLN D 27 7.71 -2.29 10.34
C GLN D 27 7.97 -1.64 11.69
N ASN D 28 9.05 -0.89 11.81
CA ASN D 28 9.47 -0.27 13.06
C ASN D 28 8.50 0.87 13.52
N VAL D 29 7.80 0.61 14.60
CA VAL D 29 6.83 1.54 15.16
C VAL D 29 7.42 2.25 16.38
N GLY D 30 8.72 2.07 16.62
CA GLY D 30 9.40 2.67 17.76
C GLY D 30 8.83 2.11 19.04
N THR D 31 8.15 2.96 19.80
CA THR D 31 7.56 2.60 21.07
C THR D 31 6.05 2.92 21.05
N ALA D 32 5.48 3.24 19.86
CA ALA D 32 4.09 3.62 19.70
C ALA D 32 3.17 2.38 19.67
N VAL D 33 3.07 1.71 20.82
CA VAL D 33 2.29 0.49 20.99
C VAL D 33 1.56 0.57 22.31
N ALA D 34 0.21 0.36 22.31
CA ALA D 34 -0.55 0.33 23.58
C ALA D 34 -1.21 -1.02 23.72
N TRP D 35 -1.46 -1.46 24.98
CA TRP D 35 -2.11 -2.74 25.26
C TRP D 35 -3.44 -2.50 25.98
N PHE D 36 -4.49 -3.22 25.53
CA PHE D 36 -5.83 -3.12 26.10
C PHE D 36 -6.30 -4.44 26.65
N GLN D 37 -7.20 -4.34 27.63
CA GLN D 37 -7.90 -5.46 28.26
C GLN D 37 -9.32 -5.34 27.79
N GLN D 38 -9.97 -6.45 27.46
CA GLN D 38 -11.37 -6.41 27.08
C GLN D 38 -12.14 -7.61 27.59
N LYS D 39 -12.99 -7.33 28.59
CA LYS D 39 -13.88 -8.33 29.18
C LYS D 39 -15.13 -8.34 28.28
N PRO D 40 -15.73 -9.53 28.01
CA PRO D 40 -16.89 -9.58 27.09
C PRO D 40 -18.09 -8.72 27.49
N GLY D 41 -18.64 -8.03 26.48
CA GLY D 41 -19.76 -7.11 26.65
C GLY D 41 -19.39 -5.81 27.34
N GLN D 42 -18.06 -5.50 27.42
CA GLN D 42 -17.53 -4.30 28.07
C GLN D 42 -16.59 -3.54 27.14
N SER D 43 -16.42 -2.25 27.41
CA SER D 43 -15.59 -1.38 26.58
C SER D 43 -14.10 -1.66 26.82
N PRO D 44 -13.21 -1.64 25.79
CA PRO D 44 -11.79 -1.91 26.05
C PRO D 44 -11.21 -1.01 27.14
N LYS D 45 -10.23 -1.52 27.89
CA LYS D 45 -9.61 -0.81 29.00
C LYS D 45 -8.09 -0.67 28.73
N LEU D 46 -7.63 0.59 28.55
CA LEU D 46 -6.23 0.89 28.32
C LEU D 46 -5.39 0.46 29.51
N LEU D 47 -4.33 -0.34 29.29
CA LEU D 47 -3.47 -0.80 30.40
C LEU D 47 -2.08 -0.19 30.32
N ILE D 48 -1.37 -0.41 29.21
CA ILE D 48 0.00 0.06 28.96
C ILE D 48 -0.09 0.98 27.75
N TYR D 49 0.70 2.04 27.75
CA TYR D 49 0.80 2.96 26.61
C TYR D 49 2.28 3.25 26.41
N SER D 50 2.64 3.55 25.19
CA SER D 50 4.01 3.83 24.81
C SER D 50 4.92 2.68 25.15
N ALA D 51 4.44 1.47 24.85
CA ALA D 51 5.12 0.20 24.98
C ALA D 51 5.36 -0.28 26.42
N SER D 52 5.42 0.62 27.41
CA SER D 52 5.75 0.23 28.77
C SER D 52 5.17 1.09 29.94
N ASN D 53 4.46 2.19 29.67
CA ASN D 53 3.93 3.02 30.75
C ASN D 53 2.54 2.55 31.13
N ARG D 54 2.25 2.49 32.43
CA ARG D 54 0.92 2.10 32.88
C ARG D 54 -0.05 3.29 32.92
N TYR D 55 -1.27 3.14 32.38
CA TYR D 55 -2.28 4.20 32.48
C TYR D 55 -2.68 4.31 33.98
N THR D 56 -3.25 5.44 34.41
CA THR D 56 -3.55 5.63 35.84
C THR D 56 -4.49 4.57 36.36
N GLY D 57 -4.19 4.06 37.55
CA GLY D 57 -5.04 3.08 38.21
C GLY D 57 -4.81 1.66 37.80
N VAL D 58 -3.95 1.42 36.80
CA VAL D 58 -3.67 0.07 36.32
C VAL D 58 -2.75 -0.61 37.32
N SER D 59 -3.11 -1.82 37.78
CA SER D 59 -2.26 -2.59 38.71
C SER D 59 -0.80 -2.71 38.25
N ASP D 60 0.12 -2.69 39.20
CA ASP D 60 1.56 -2.89 38.92
C ASP D 60 1.86 -4.34 38.43
N ARG D 61 0.86 -5.29 38.47
CA ARG D 61 0.99 -6.66 37.92
C ARG D 61 1.02 -6.68 36.39
N PHE D 62 0.52 -5.60 35.74
CA PHE D 62 0.55 -5.46 34.29
C PHE D 62 1.83 -4.75 33.86
N THR D 63 2.53 -5.30 32.86
CA THR D 63 3.79 -4.73 32.36
C THR D 63 3.89 -4.83 30.84
N GLY D 64 4.60 -3.89 30.25
CA GLY D 64 4.86 -3.88 28.82
C GLY D 64 6.32 -3.63 28.59
N SER D 65 6.92 -4.29 27.61
CA SER D 65 8.32 -4.09 27.26
C SER D 65 8.46 -4.14 25.75
N GLY D 66 9.67 -3.87 25.27
CA GLY D 66 10.00 -3.90 23.87
C GLY D 66 10.02 -2.55 23.17
N SER D 67 10.54 -2.60 21.96
CA SER D 67 10.71 -1.46 21.07
C SER D 67 10.83 -2.03 19.63
N GLY D 68 10.77 -1.14 18.65
CA GLY D 68 10.89 -1.48 17.24
C GLY D 68 9.80 -2.35 16.66
N THR D 69 10.05 -3.68 16.59
CA THR D 69 9.10 -4.63 15.98
C THR D 69 8.74 -5.83 16.87
N GLU D 70 9.11 -5.84 18.15
CA GLU D 70 8.73 -6.91 19.07
C GLU D 70 8.44 -6.27 20.44
N PHE D 71 7.23 -6.54 20.95
CA PHE D 71 6.65 -5.96 22.15
C PHE D 71 6.00 -7.06 22.95
N ILE D 72 6.30 -7.15 24.26
CA ILE D 72 5.74 -8.19 25.11
C ILE D 72 4.91 -7.62 26.24
N PHE D 73 3.67 -8.15 26.41
CA PHE D 73 2.77 -7.78 27.49
C PHE D 73 2.75 -8.93 28.46
N THR D 74 2.88 -8.64 29.79
CA THR D 74 3.01 -9.64 30.86
C THR D 74 2.13 -9.35 32.07
N ILE D 75 1.49 -10.41 32.61
CA ILE D 75 0.69 -10.30 33.83
C ILE D 75 1.41 -11.14 34.91
N SER D 76 1.67 -10.55 36.09
CA SER D 76 2.30 -11.21 37.23
C SER D 76 1.15 -11.59 38.16
N TYR D 77 1.23 -12.78 38.78
CA TYR D 77 0.25 -13.26 39.74
C TYR D 77 -1.16 -13.05 39.26
N ALA D 78 -1.43 -13.61 38.06
CA ALA D 78 -2.72 -13.48 37.38
C ALA D 78 -3.85 -14.11 38.19
N GLN D 79 -4.98 -13.41 38.26
CA GLN D 79 -6.16 -13.80 39.04
C GLN D 79 -7.33 -14.09 38.11
N SER D 80 -8.45 -14.61 38.64
CA SER D 80 -9.68 -14.87 37.87
C SER D 80 -10.26 -13.55 37.37
N GLU D 81 -10.00 -12.48 38.12
CA GLU D 81 -10.46 -11.13 37.79
C GLU D 81 -9.78 -10.62 36.51
N ASP D 82 -8.64 -11.22 36.12
CA ASP D 82 -7.87 -10.90 34.90
C ASP D 82 -8.24 -11.75 33.69
N LEU D 83 -9.30 -12.56 33.76
CA LEU D 83 -9.72 -13.37 32.61
C LEU D 83 -10.46 -12.46 31.67
N ALA D 84 -9.84 -12.20 30.51
CA ALA D 84 -10.35 -11.32 29.47
C ALA D 84 -9.51 -11.50 28.22
N ASP D 85 -9.82 -10.74 27.15
CA ASP D 85 -9.03 -10.74 25.92
C ASP D 85 -8.08 -9.57 26.02
N TYR D 86 -6.88 -9.74 25.51
CA TYR D 86 -5.86 -8.70 25.54
C TYR D 86 -5.42 -8.48 24.12
N PHE D 87 -5.45 -7.22 23.67
CA PHE D 87 -4.97 -6.90 22.32
C PHE D 87 -4.00 -5.73 22.36
N CYS D 88 -3.08 -5.67 21.38
CA CYS D 88 -2.10 -4.58 21.21
C CYS D 88 -2.58 -3.72 20.09
N HIS D 89 -1.96 -2.56 19.94
CA HIS D 89 -2.26 -1.68 18.82
C HIS D 89 -1.12 -0.73 18.54
N GLN D 90 -0.81 -0.49 17.27
CA GLN D 90 0.28 0.44 16.91
C GLN D 90 -0.30 1.81 16.60
N TYR D 91 0.43 2.86 16.94
CA TYR D 91 -0.08 4.20 16.62
C TYR D 91 1.03 5.09 16.06
N SER D 92 2.00 4.41 15.41
CA SER D 92 3.12 5.01 14.71
C SER D 92 2.68 5.55 13.32
N SER D 93 1.68 4.90 12.68
CA SER D 93 1.19 5.31 11.37
C SER D 93 -0.30 4.98 11.18
N TYR D 94 -1.04 5.91 10.54
CA TYR D 94 -2.44 5.69 10.20
C TYR D 94 -2.45 4.86 8.86
N PRO D 95 -3.41 3.92 8.62
CA PRO D 95 -4.53 3.56 9.50
C PRO D 95 -4.00 2.84 10.75
N LEU D 96 -4.59 3.12 11.90
CA LEU D 96 -4.19 2.48 13.13
C LEU D 96 -4.53 1.00 12.96
N THR D 97 -3.60 0.10 13.35
CA THR D 97 -3.84 -1.35 13.19
C THR D 97 -3.73 -2.09 14.55
N PHE D 98 -4.50 -3.19 14.72
CA PHE D 98 -4.57 -3.93 15.98
C PHE D 98 -4.28 -5.44 15.87
N GLY D 99 -3.86 -6.00 16.97
CA GLY D 99 -3.66 -7.43 17.10
C GLY D 99 -5.02 -8.08 17.29
N ALA D 100 -5.08 -9.37 16.97
CA ALA D 100 -6.31 -10.15 16.97
C ALA D 100 -6.99 -10.32 18.32
N GLY D 101 -6.20 -10.27 19.39
CA GLY D 101 -6.70 -10.50 20.74
C GLY D 101 -6.22 -11.89 21.13
N THR D 102 -6.01 -12.11 22.43
CA THR D 102 -5.58 -13.40 22.97
C THR D 102 -6.36 -13.55 24.25
N LYS D 103 -7.12 -14.66 24.41
CA LYS D 103 -7.87 -14.90 25.64
C LYS D 103 -6.92 -15.50 26.70
N LEU D 104 -7.03 -15.04 27.94
CA LEU D 104 -6.21 -15.55 29.02
C LEU D 104 -6.92 -16.79 29.59
N GLU D 105 -6.17 -17.91 29.73
CA GLU D 105 -6.65 -19.14 30.37
C GLU D 105 -5.88 -19.30 31.68
N LEU D 106 -6.54 -19.75 32.74
CA LEU D 106 -5.89 -19.95 34.04
C LEU D 106 -6.09 -21.37 34.57
N LYS D 107 -5.05 -21.94 35.22
CA LYS D 107 -5.15 -23.29 35.75
C LYS D 107 -5.78 -23.20 37.12
N ARG D 108 -6.33 -24.30 37.57
CA ARG D 108 -7.07 -24.31 38.82
C ARG D 108 -7.19 -25.74 39.33
N ALA D 109 -7.51 -25.87 40.61
CA ALA D 109 -7.81 -27.16 41.21
C ALA D 109 -9.01 -27.75 40.45
N ASP D 110 -9.00 -29.07 40.20
CA ASP D 110 -10.13 -29.73 39.53
C ASP D 110 -11.41 -29.60 40.35
N ALA D 111 -12.57 -29.49 39.67
CA ALA D 111 -13.87 -29.29 40.33
C ALA D 111 -14.92 -30.03 39.56
N ALA D 112 -15.76 -30.83 40.25
CA ALA D 112 -16.82 -31.59 39.59
C ALA D 112 -18.03 -30.69 39.34
N PRO D 113 -18.78 -30.97 38.25
CA PRO D 113 -19.96 -30.13 37.95
C PRO D 113 -21.14 -30.31 38.91
N THR D 114 -22.04 -29.33 38.88
CA THR D 114 -23.30 -29.35 39.63
C THR D 114 -24.40 -29.47 38.57
N VAL D 115 -24.76 -30.75 38.25
CA VAL D 115 -25.74 -31.09 37.20
C VAL D 115 -27.18 -30.90 37.69
N SER D 116 -28.04 -30.30 36.85
CA SER D 116 -29.46 -30.02 37.21
C SER D 116 -30.31 -30.09 35.95
N ILE D 117 -31.29 -30.99 35.91
CA ILE D 117 -32.15 -31.19 34.73
C ILE D 117 -33.48 -30.43 34.91
N PHE D 118 -34.09 -30.02 33.77
CA PHE D 118 -35.34 -29.27 33.76
C PHE D 118 -36.26 -29.76 32.68
N PRO D 119 -37.52 -30.03 33.01
CA PRO D 119 -38.47 -30.42 31.97
C PRO D 119 -39.02 -29.20 31.22
N PRO D 120 -39.61 -29.40 30.00
CA PRO D 120 -40.26 -28.29 29.30
C PRO D 120 -41.37 -27.63 30.10
N SER D 121 -41.47 -26.32 29.97
CA SER D 121 -42.51 -25.53 30.66
C SER D 121 -43.85 -25.73 29.95
N SER D 122 -44.94 -25.53 30.66
CA SER D 122 -46.26 -25.61 30.04
C SER D 122 -46.37 -24.51 28.94
N GLU D 123 -45.81 -23.33 29.23
CA GLU D 123 -45.81 -22.15 28.35
C GLU D 123 -45.21 -22.53 26.99
N GLN D 124 -44.09 -23.25 26.99
CA GLN D 124 -43.45 -23.71 25.75
C GLN D 124 -44.24 -24.76 25.02
N LEU D 125 -44.72 -25.79 25.74
CA LEU D 125 -45.45 -26.91 25.12
C LEU D 125 -46.73 -26.43 24.44
N THR D 126 -47.41 -25.38 24.95
CA THR D 126 -48.62 -24.87 24.29
C THR D 126 -48.25 -24.22 22.90
N SER D 127 -47.00 -23.76 22.78
CA SER D 127 -46.45 -23.20 21.56
C SER D 127 -45.78 -24.29 20.67
N GLY D 128 -45.99 -25.57 20.97
CA GLY D 128 -45.52 -26.66 20.17
C GLY D 128 -44.05 -27.06 20.22
N GLY D 129 -43.35 -26.70 21.28
CA GLY D 129 -41.96 -27.07 21.39
C GLY D 129 -41.67 -27.70 22.72
N ALA D 130 -40.56 -28.45 22.81
CA ALA D 130 -40.14 -29.11 24.05
C ALA D 130 -38.60 -29.11 24.17
N SER D 131 -38.07 -28.22 25.01
CA SER D 131 -36.64 -28.11 25.26
C SER D 131 -36.38 -28.64 26.65
N VAL D 132 -35.53 -29.67 26.75
CA VAL D 132 -35.14 -30.24 28.02
C VAL D 132 -33.76 -29.67 28.27
N VAL D 133 -33.60 -28.87 29.34
CA VAL D 133 -32.35 -28.17 29.67
C VAL D 133 -31.60 -28.91 30.77
N CYS D 134 -30.28 -28.99 30.63
CA CYS D 134 -29.38 -29.57 31.62
C CYS D 134 -28.26 -28.57 31.90
N PHE D 135 -28.08 -28.11 33.15
CA PHE D 135 -27.02 -27.16 33.48
C PHE D 135 -25.89 -27.85 34.23
N LEU D 136 -24.67 -27.78 33.69
CA LEU D 136 -23.48 -28.34 34.32
C LEU D 136 -22.65 -27.16 34.82
N ASN D 137 -22.85 -26.78 36.11
CA ASN D 137 -22.24 -25.58 36.67
C ASN D 137 -20.96 -25.78 37.47
N ASN D 138 -20.05 -24.79 37.37
CA ASN D 138 -18.80 -24.64 38.09
C ASN D 138 -17.89 -25.86 38.13
N PHE D 139 -17.43 -26.28 36.98
CA PHE D 139 -16.52 -27.41 36.87
C PHE D 139 -15.18 -26.94 36.28
N TYR D 140 -14.12 -27.73 36.50
CA TYR D 140 -12.78 -27.49 35.97
C TYR D 140 -12.05 -28.85 35.94
N PRO D 141 -11.41 -29.30 34.84
CA PRO D 141 -11.20 -28.65 33.53
C PRO D 141 -12.44 -28.41 32.67
N LYS D 142 -12.25 -27.70 31.53
CA LYS D 142 -13.29 -27.37 30.53
C LYS D 142 -13.79 -28.62 29.82
N ASP D 143 -12.90 -29.61 29.64
CA ASP D 143 -13.25 -30.83 28.92
C ASP D 143 -14.35 -31.60 29.70
N ILE D 144 -15.44 -31.95 28.99
CA ILE D 144 -16.59 -32.65 29.58
C ILE D 144 -17.45 -33.24 28.46
N ASN D 145 -18.07 -34.41 28.74
CA ASN D 145 -18.98 -35.06 27.80
C ASN D 145 -20.40 -35.09 28.38
N VAL D 146 -21.42 -34.71 27.59
CA VAL D 146 -22.83 -34.77 28.02
C VAL D 146 -23.57 -35.78 27.13
N LYS D 147 -24.23 -36.77 27.75
CA LYS D 147 -24.99 -37.79 27.03
C LYS D 147 -26.43 -37.68 27.45
N TRP D 148 -27.35 -37.63 26.48
CA TRP D 148 -28.79 -37.58 26.75
C TRP D 148 -29.41 -38.93 26.44
N LYS D 149 -30.26 -39.47 27.36
CA LYS D 149 -31.01 -40.71 27.11
C LYS D 149 -32.50 -40.42 27.24
N ILE D 150 -33.31 -40.94 26.26
CA ILE D 150 -34.79 -40.81 26.23
C ILE D 150 -35.35 -42.23 26.38
N ASP D 151 -35.97 -42.53 27.54
CA ASP D 151 -36.50 -43.86 27.87
C ASP D 151 -35.37 -44.87 27.80
N GLY D 152 -34.23 -44.52 28.39
CA GLY D 152 -33.04 -45.36 28.40
C GLY D 152 -32.22 -45.39 27.12
N SER D 153 -32.80 -44.99 25.96
CA SER D 153 -32.12 -45.02 24.67
C SER D 153 -31.41 -43.69 24.38
N GLU D 154 -30.08 -43.74 24.15
CA GLU D 154 -29.25 -42.56 23.84
C GLU D 154 -29.80 -41.73 22.63
N ARG D 155 -29.70 -40.40 22.73
CA ARG D 155 -30.17 -39.47 21.69
C ARG D 155 -28.96 -38.75 21.12
N GLN D 156 -28.94 -38.60 19.78
CA GLN D 156 -27.85 -37.98 19.06
C GLN D 156 -28.22 -36.59 18.49
N ASN D 157 -29.22 -36.53 17.57
CA ASN D 157 -29.60 -35.25 16.94
C ASN D 157 -30.50 -34.37 17.81
N GLY D 158 -30.41 -33.05 17.58
CA GLY D 158 -31.21 -32.05 18.29
C GLY D 158 -30.68 -31.59 19.65
N VAL D 159 -29.35 -31.64 19.87
CA VAL D 159 -28.70 -31.25 21.14
C VAL D 159 -27.75 -30.05 20.94
N LEU D 160 -27.96 -28.95 21.65
CA LEU D 160 -27.09 -27.78 21.57
C LEU D 160 -26.35 -27.55 22.89
N ASN D 161 -25.01 -27.64 22.86
CA ASN D 161 -24.14 -27.39 24.01
C ASN D 161 -23.54 -25.96 23.93
N SER D 162 -23.56 -25.21 25.05
CA SER D 162 -23.07 -23.84 25.12
C SER D 162 -22.22 -23.63 26.37
N TRP D 163 -20.89 -23.51 26.21
CA TRP D 163 -20.00 -23.23 27.34
C TRP D 163 -19.98 -21.74 27.68
N THR D 164 -19.76 -21.39 28.95
CA THR D 164 -19.53 -19.99 29.31
C THR D 164 -18.00 -19.77 29.20
N ASP D 165 -17.61 -18.52 29.22
CA ASP D 165 -16.20 -18.19 29.22
C ASP D 165 -15.71 -18.51 30.64
N GLN D 166 -14.44 -18.94 30.81
CA GLN D 166 -13.89 -19.25 32.15
C GLN D 166 -14.31 -18.14 33.16
N ASP D 167 -14.75 -18.54 34.37
CA ASP D 167 -15.34 -17.61 35.35
C ASP D 167 -14.38 -16.61 35.97
N SER D 168 -14.84 -15.34 36.10
CA SER D 168 -14.07 -14.26 36.70
C SER D 168 -14.01 -14.31 38.23
N LYS D 169 -14.90 -15.11 38.86
CA LYS D 169 -14.98 -15.25 40.31
C LYS D 169 -14.08 -16.39 40.81
N ASP D 170 -14.15 -17.57 40.15
CA ASP D 170 -13.44 -18.78 40.58
C ASP D 170 -12.71 -19.57 39.50
N SER D 171 -12.49 -19.02 38.29
CA SER D 171 -11.77 -19.68 37.19
C SER D 171 -12.35 -21.04 36.71
N THR D 172 -13.65 -21.29 36.96
CA THR D 172 -14.32 -22.53 36.55
C THR D 172 -15.12 -22.30 35.26
N TYR D 173 -15.63 -23.38 34.65
CA TYR D 173 -16.47 -23.32 33.45
C TYR D 173 -17.89 -23.74 33.83
N SER D 174 -18.85 -23.36 33.00
CA SER D 174 -20.24 -23.76 33.18
C SER D 174 -20.71 -24.09 31.80
N MET D 175 -21.76 -24.90 31.69
CA MET D 175 -22.24 -25.34 30.39
C MET D 175 -23.73 -25.63 30.40
N SER D 176 -24.42 -25.43 29.27
CA SER D 176 -25.84 -25.76 29.18
C SER D 176 -26.06 -26.68 27.97
N SER D 177 -26.57 -27.90 28.23
CA SER D 177 -26.92 -28.87 27.20
C SER D 177 -28.43 -28.75 26.99
N THR D 178 -28.87 -28.58 25.74
CA THR D 178 -30.29 -28.43 25.47
C THR D 178 -30.75 -29.36 24.37
N LEU D 179 -31.55 -30.37 24.76
CA LEU D 179 -32.19 -31.28 23.84
C LEU D 179 -33.54 -30.66 23.47
N THR D 180 -33.71 -30.24 22.20
CA THR D 180 -34.93 -29.59 21.71
C THR D 180 -35.64 -30.53 20.79
N LEU D 181 -36.92 -30.76 21.05
CA LEU D 181 -37.80 -31.67 20.32
C LEU D 181 -39.10 -30.96 20.02
N THR D 182 -39.93 -31.57 19.17
CA THR D 182 -41.28 -31.06 18.89
C THR D 182 -42.16 -31.54 20.05
N LYS D 183 -43.27 -30.81 20.32
CA LYS D 183 -44.19 -31.21 21.38
C LYS D 183 -44.60 -32.69 21.16
N ASP D 184 -44.85 -33.09 19.89
CA ASP D 184 -45.26 -34.45 19.54
C ASP D 184 -44.19 -35.47 19.88
N GLU D 185 -42.99 -35.27 19.42
CA GLU D 185 -41.84 -36.14 19.68
C GLU D 185 -41.57 -36.30 21.22
N TYR D 186 -41.83 -35.21 22.00
CA TYR D 186 -41.67 -35.21 23.47
C TYR D 186 -42.80 -36.02 24.11
N GLU D 187 -44.08 -35.76 23.72
CA GLU D 187 -45.26 -36.47 24.24
C GLU D 187 -45.10 -38.00 24.18
N ARG D 188 -44.35 -38.52 23.18
CA ARG D 188 -44.15 -39.98 22.98
C ARG D 188 -43.16 -40.65 23.94
N HIS D 189 -42.45 -39.92 24.83
CA HIS D 189 -41.53 -40.54 25.79
C HIS D 189 -41.76 -40.02 27.19
N ASN D 190 -41.32 -40.78 28.21
CA ASN D 190 -41.58 -40.46 29.61
C ASN D 190 -40.38 -40.15 30.46
N SER D 191 -39.23 -40.80 30.23
CA SER D 191 -38.04 -40.54 31.07
C SER D 191 -36.91 -39.90 30.25
N TYR D 192 -36.52 -38.67 30.64
CA TYR D 192 -35.43 -37.95 29.99
C TYR D 192 -34.29 -37.86 30.99
N THR D 193 -33.11 -38.36 30.60
CA THR D 193 -31.92 -38.40 31.46
C THR D 193 -30.81 -37.59 30.81
N CYS D 194 -29.89 -37.13 31.64
CA CYS D 194 -28.76 -36.33 31.25
C CYS D 194 -27.56 -36.84 32.08
N GLU D 195 -26.57 -37.48 31.40
CA GLU D 195 -25.38 -38.05 32.06
C GLU D 195 -24.08 -37.27 31.73
N ALA D 196 -23.51 -36.62 32.75
CA ALA D 196 -22.28 -35.83 32.63
C ALA D 196 -21.10 -36.67 33.05
N THR D 197 -20.12 -36.80 32.16
CA THR D 197 -18.88 -37.55 32.42
C THR D 197 -17.72 -36.54 32.46
N HIS D 198 -17.11 -36.36 33.65
CA HIS D 198 -16.02 -35.42 33.90
C HIS D 198 -14.78 -36.13 34.58
N LYS D 199 -13.60 -35.47 34.58
CA LYS D 199 -12.37 -36.02 35.17
C LYS D 199 -12.43 -36.28 36.69
N THR D 200 -13.30 -35.57 37.44
CA THR D 200 -13.39 -35.74 38.90
C THR D 200 -14.01 -37.08 39.40
N SER D 201 -14.54 -37.92 38.48
CA SER D 201 -15.18 -39.18 38.86
C SER D 201 -15.12 -40.18 37.69
N THR D 202 -15.03 -41.49 38.02
CA THR D 202 -15.02 -42.58 37.02
C THR D 202 -16.48 -42.79 36.54
N SER D 203 -17.44 -42.67 37.50
CA SER D 203 -18.89 -42.80 37.31
C SER D 203 -19.50 -41.43 36.91
N PRO D 204 -20.25 -41.33 35.79
CA PRO D 204 -20.83 -40.03 35.40
C PRO D 204 -21.94 -39.56 36.34
N ILE D 205 -22.05 -38.22 36.54
CA ILE D 205 -23.14 -37.65 37.35
C ILE D 205 -24.40 -37.84 36.49
N VAL D 206 -25.50 -38.35 37.08
CA VAL D 206 -26.73 -38.57 36.31
C VAL D 206 -27.91 -37.91 36.96
N LYS D 207 -28.63 -37.07 36.19
CA LYS D 207 -29.84 -36.40 36.64
C LYS D 207 -30.95 -36.71 35.60
N SER D 208 -32.17 -36.95 36.07
CA SER D 208 -33.27 -37.27 35.18
C SER D 208 -34.61 -36.94 35.80
N PHE D 209 -35.65 -36.99 35.00
CA PHE D 209 -37.01 -36.82 35.47
C PHE D 209 -37.93 -37.75 34.65
N ASN D 210 -39.03 -38.16 35.28
CA ASN D 210 -40.04 -39.00 34.66
C ASN D 210 -41.31 -38.18 34.65
N ARG D 211 -41.95 -38.08 33.49
CA ARG D 211 -43.15 -37.27 33.33
C ARG D 211 -44.31 -37.79 34.20
N ASN D 212 -44.35 -39.14 34.44
CA ASN D 212 -45.34 -39.84 35.29
C ASN D 212 -45.22 -39.46 36.77
N GLU D 213 -43.99 -39.14 37.25
CA GLU D 213 -43.79 -38.74 38.63
C GLU D 213 -44.50 -37.41 38.91
N CYS D 214 -45.40 -37.42 39.92
CA CYS D 214 -46.12 -36.25 40.45
C CYS D 214 -46.91 -35.49 39.43
#